data_6EJ8
#
_entry.id   6EJ8
#
_cell.length_a   67.310
_cell.length_b   86.680
_cell.length_c   152.850
_cell.angle_alpha   90.000
_cell.angle_beta   90.000
_cell.angle_gamma   90.000
#
_symmetry.space_group_name_H-M   'P 21 21 21'
#
loop_
_entity.id
_entity.type
_entity.pdbx_description
1 polymer 'Xylosyltransferase 1'
2 polymer 'Protein AMBP'
3 non-polymer 2-acetamido-2-deoxy-beta-D-glucopyranose
4 non-polymer 'SODIUM ION'
5 non-polymer 'PHOSPHATE ION'
6 water water
#
loop_
_entity_poly.entity_id
_entity_poly.type
_entity_poly.pdbx_seq_one_letter_code
_entity_poly.pdbx_strand_id
1 'polypeptide(L)'
;RALAAPLVHHHHHHALDENLYFQGALADVSRPPHARKTGGSSPETKYDQPPKCDISGKEAISALSRAKSKHCRQEIGETY
CRHKLGLLMPEKVTRFCPLEGKANKNVQWDEDSVEYMPANPVRIAFVLVVHGRASRQLQRMFKAIYHKDHFYYIHVDKRS
NYLHRQVLQVSRQYSNVRVTPWRMATIWGGASLLSTYLQSMRDLLEMTDWPWDFFINLSAADYPIRTNDQLVAFLSRYRD
MNFLKSHGRDNARFIRKQGLDRLFLECDAHMWRLGDRRIPEGIAVDGGSDWFLLNRRFVEYVTFSTDDLVTKMKQFYSYT
LLPAESFFHTVLENSPHCDTMVDNNLRITNWNRKLGCKCQYKHIVDWCGCSPNDFKPQDFHRFQQTARPTFFARKFEAVV
NQEIIGQLDYYLYGNYPAGTPGLRSYWENVYDEPDGIHSLSDVTLTLYHSFARLGLRRAETSLHTDGENSCRYYPMGHPA
SVHLYFLADRFQGFLIKHHATNLAVSKLETLETWVMPKKVFKIASPPSDFGRLQFSEVGTDWDAKERLFRNFGGLLGPMD
EPVGMQKWGKGPNVTVTVIWVDPVNVIAATYDILIESTAEFTHYKPPLNLPLRPGVWTVKILHHWVPVAETKFLVAPLTF
SNRQPIKPEEALKLHNGPLRNAYMEQSFQSLNPVLSLPINPAQVEQARRNAASTGTALEGWLDSLVGGMWTAMDICATGP
TACPVMQTCSQTAWSSFSPDPKSELGAVKPDGRLR
;
A
2 'polypeptide(L)' QEEEGSGGGQGG B
#
# COMPACT_ATOMS: atom_id res chain seq x y z
N ASP A 48 -1.67 -30.52 22.84
CA ASP A 48 -2.82 -29.66 23.04
C ASP A 48 -3.09 -29.44 24.52
N GLN A 49 -4.25 -28.85 24.83
CA GLN A 49 -4.64 -28.60 26.22
C GLN A 49 -6.05 -28.01 26.26
N PRO A 50 -6.96 -28.56 27.06
CA PRO A 50 -8.33 -28.03 27.10
C PRO A 50 -8.38 -26.69 27.78
N PRO A 51 -9.42 -25.90 27.53
CA PRO A 51 -9.54 -24.59 28.19
C PRO A 51 -9.80 -24.73 29.68
N LYS A 52 -9.64 -23.63 30.39
CA LYS A 52 -10.01 -23.55 31.80
C LYS A 52 -11.49 -23.30 31.99
N CYS A 53 -12.24 -23.06 30.91
CA CYS A 53 -13.65 -22.75 30.95
C CYS A 53 -14.35 -23.43 29.79
N ASP A 54 -15.65 -23.71 29.98
CA ASP A 54 -16.47 -24.14 28.85
C ASP A 54 -16.64 -22.98 27.88
N ILE A 55 -16.37 -23.22 26.60
CA ILE A 55 -16.40 -22.19 25.58
C ILE A 55 -17.56 -22.49 24.65
N SER A 56 -18.59 -21.64 24.70
CA SER A 56 -19.81 -21.87 23.93
C SER A 56 -20.20 -20.71 23.03
N GLY A 57 -19.54 -19.57 23.11
CA GLY A 57 -19.88 -18.45 22.25
C GLY A 57 -19.54 -18.76 20.79
N LYS A 58 -20.48 -18.47 19.90
CA LYS A 58 -20.27 -18.74 18.47
C LYS A 58 -19.02 -18.04 17.95
N GLU A 59 -18.84 -16.76 18.30
CA GLU A 59 -17.70 -16.00 17.80
C GLU A 59 -16.39 -16.61 18.28
N ALA A 60 -16.33 -17.03 19.55
CA ALA A 60 -15.10 -17.57 20.10
C ALA A 60 -14.76 -18.93 19.48
N ILE A 61 -15.78 -19.76 19.23
CA ILE A 61 -15.56 -21.05 18.59
C ILE A 61 -15.09 -20.86 17.16
N SER A 62 -15.69 -19.90 16.43
CA SER A 62 -15.24 -19.61 15.08
C SER A 62 -13.81 -19.09 15.05
N ALA A 63 -13.40 -18.37 16.09
CA ALA A 63 -12.02 -17.87 16.14
C ALA A 63 -11.03 -18.99 16.45
N LEU A 64 -11.36 -19.85 17.41
CA LEU A 64 -10.49 -20.98 17.73
C LEU A 64 -10.34 -21.91 16.53
N SER A 65 -11.42 -22.10 15.76
CA SER A 65 -11.35 -23.00 14.61
C SER A 65 -10.45 -22.45 13.52
N ARG A 66 -10.47 -21.12 13.32
CA ARG A 66 -9.70 -20.49 12.26
C ARG A 66 -8.27 -20.16 12.66
N ALA A 67 -7.99 -20.04 13.95
CA ALA A 67 -6.64 -19.70 14.40
C ALA A 67 -5.68 -20.82 14.03
N LYS A 68 -4.42 -20.44 13.80
CA LYS A 68 -3.43 -21.35 13.25
C LYS A 68 -2.38 -21.81 14.24
N SER A 69 -2.03 -20.99 15.23
CA SER A 69 -0.96 -21.32 16.16
C SER A 69 -1.53 -21.73 17.52
N LYS A 70 -0.79 -22.62 18.19
CA LYS A 70 -1.19 -23.03 19.54
C LYS A 70 -1.22 -21.83 20.48
N HIS A 71 -0.19 -20.97 20.41
CA HIS A 71 -0.16 -19.79 21.26
C HIS A 71 -1.41 -18.94 21.07
N CYS A 72 -1.84 -18.77 19.81
CA CYS A 72 -3.00 -17.93 19.54
C CYS A 72 -4.27 -18.55 20.09
N ARG A 73 -4.44 -19.87 19.92
CA ARG A 73 -5.63 -20.52 20.44
C ARG A 73 -5.69 -20.43 21.95
N GLN A 74 -4.55 -20.57 22.63
CA GLN A 74 -4.51 -20.44 24.08
C GLN A 74 -4.92 -19.03 24.51
N GLU A 75 -4.31 -18.01 23.90
CA GLU A 75 -4.64 -16.64 24.25
C GLU A 75 -6.13 -16.36 24.05
N ILE A 76 -6.71 -16.90 22.97
CA ILE A 76 -8.14 -16.72 22.74
C ILE A 76 -8.94 -17.33 23.89
N GLY A 77 -8.66 -18.57 24.24
CA GLY A 77 -9.37 -19.21 25.33
C GLY A 77 -9.20 -18.46 26.65
N GLU A 78 -7.98 -18.00 26.93
CA GLU A 78 -7.72 -17.28 28.17
C GLU A 78 -8.52 -15.99 28.23
N THR A 79 -8.52 -15.23 27.15
CA THR A 79 -9.28 -13.97 27.11
C THR A 79 -10.77 -14.23 27.30
N TYR A 80 -11.31 -15.21 26.57
CA TYR A 80 -12.73 -15.52 26.66
C TYR A 80 -13.13 -15.91 28.08
N CYS A 81 -12.39 -16.85 28.69
CA CYS A 81 -12.70 -17.28 30.04
C CYS A 81 -12.76 -16.10 30.99
N ARG A 82 -11.73 -15.26 30.97
CA ARG A 82 -11.66 -14.15 31.92
C ARG A 82 -12.84 -13.21 31.75
N HIS A 83 -13.24 -12.94 30.50
CA HIS A 83 -14.41 -12.11 30.27
C HIS A 83 -15.69 -12.81 30.73
N LYS A 84 -15.75 -14.13 30.55
CA LYS A 84 -16.91 -14.90 30.98
C LYS A 84 -17.17 -14.73 32.47
N LEU A 85 -16.11 -14.77 33.27
CA LEU A 85 -16.21 -14.60 34.71
C LEU A 85 -16.33 -13.15 35.15
N GLY A 86 -16.27 -12.20 34.20
CA GLY A 86 -16.40 -10.81 34.55
C GLY A 86 -15.16 -10.18 35.14
N LEU A 87 -13.98 -10.71 34.82
CA LEU A 87 -12.73 -10.23 35.38
C LEU A 87 -11.86 -9.48 34.39
N LEU A 88 -12.34 -9.25 33.16
CA LEU A 88 -11.52 -8.63 32.13
C LEU A 88 -11.85 -7.16 31.90
N MET A 89 -13.15 -6.83 31.75
CA MET A 89 -13.56 -5.48 31.39
C MET A 89 -14.13 -4.73 32.58
N PRO A 90 -13.85 -3.44 32.73
CA PRO A 90 -14.50 -2.66 33.78
C PRO A 90 -15.94 -2.33 33.40
N GLU A 91 -16.80 -2.26 34.42
CA GLU A 91 -18.22 -2.00 34.23
C GLU A 91 -18.65 -0.59 34.63
N LYS A 92 -17.88 0.11 35.45
CA LYS A 92 -18.19 1.49 35.78
C LYS A 92 -16.88 2.26 36.00
N VAL A 93 -16.84 3.49 35.52
CA VAL A 93 -15.61 4.29 35.53
C VAL A 93 -15.93 5.69 36.06
N THR A 94 -15.01 6.23 36.85
CA THR A 94 -15.19 7.57 37.40
C THR A 94 -14.98 8.64 36.33
N ARG A 95 -15.84 9.64 36.34
CA ARG A 95 -15.73 10.81 35.46
C ARG A 95 -15.22 11.99 36.29
N PHE A 96 -14.11 12.57 35.86
CA PHE A 96 -13.49 13.68 36.59
C PHE A 96 -13.81 15.03 35.98
N CYS A 97 -14.49 15.08 34.84
CA CYS A 97 -14.73 16.35 34.17
C CYS A 97 -15.82 17.12 34.91
N PRO A 98 -15.60 18.40 35.27
CA PRO A 98 -16.66 19.18 35.91
C PRO A 98 -17.76 19.64 34.97
N LEU A 99 -17.51 19.70 33.67
CA LEU A 99 -18.52 20.18 32.74
C LEU A 99 -19.71 19.22 32.69
N GLU A 100 -20.81 19.74 32.11
CA GLU A 100 -22.02 18.93 31.94
C GLU A 100 -21.93 18.06 30.69
N GLY A 101 -21.31 18.59 29.62
CA GLY A 101 -21.16 17.84 28.38
C GLY A 101 -19.79 18.02 27.78
N LYS A 102 -19.73 18.37 26.50
CA LYS A 102 -18.48 18.62 25.82
C LYS A 102 -18.10 20.09 25.89
N ALA A 103 -16.85 20.40 25.54
CA ALA A 103 -16.34 21.76 25.61
C ALA A 103 -16.70 22.53 24.34
N ASN A 104 -16.03 22.22 23.23
CA ASN A 104 -16.24 22.94 21.97
C ASN A 104 -15.74 24.37 22.07
N LYS A 105 -14.51 24.60 21.64
CA LYS A 105 -13.86 25.90 21.74
C LYS A 105 -13.56 26.40 20.33
N ASN A 106 -13.18 27.68 20.25
CA ASN A 106 -12.86 28.30 18.97
C ASN A 106 -11.36 28.33 18.73
N GLN A 108 -14.12 30.96 15.71
CA GLN A 108 -13.83 32.18 14.94
C GLN A 108 -12.41 32.10 14.36
N TRP A 109 -12.32 32.10 13.04
CA TRP A 109 -11.07 31.81 12.34
C TRP A 109 -10.89 32.79 11.19
N ASP A 110 -9.78 33.53 11.20
CA ASP A 110 -9.45 34.50 10.18
C ASP A 110 -8.09 34.16 9.58
N GLU A 111 -8.00 34.23 8.25
CA GLU A 111 -6.78 33.81 7.56
C GLU A 111 -5.57 34.63 8.01
N ASP A 112 -5.74 35.94 8.16
CA ASP A 112 -4.62 36.80 8.55
C ASP A 112 -4.11 36.49 9.95
N SER A 113 -4.85 35.71 10.74
CA SER A 113 -4.47 35.47 12.13
C SER A 113 -3.11 34.79 12.23
N VAL A 114 -2.73 33.98 11.26
CA VAL A 114 -1.54 33.14 11.36
C VAL A 114 -0.33 33.79 10.68
N GLU A 115 -0.34 35.11 10.51
CA GLU A 115 0.75 35.80 9.82
C GLU A 115 1.61 36.62 10.77
N TYR A 116 1.53 36.38 12.07
CA TYR A 116 2.39 37.04 13.03
C TYR A 116 3.60 36.18 13.35
N MET A 117 4.58 36.78 14.01
CA MET A 117 5.79 36.05 14.41
C MET A 117 5.77 35.83 15.92
N PRO A 118 5.79 34.60 16.42
CA PRO A 118 5.71 34.40 17.87
C PRO A 118 7.01 34.74 18.57
N ALA A 119 6.89 35.32 19.77
CA ALA A 119 8.06 35.52 20.61
C ALA A 119 8.58 34.20 21.18
N ASN A 120 7.68 33.26 21.47
CA ASN A 120 8.04 31.97 22.05
C ASN A 120 7.43 30.86 21.19
N PRO A 121 8.04 30.56 20.04
CA PRO A 121 7.46 29.54 19.15
C PRO A 121 7.52 28.15 19.75
N VAL A 122 6.44 27.38 19.54
CA VAL A 122 6.39 26.01 20.01
C VAL A 122 7.36 25.15 19.22
N ARG A 123 7.85 24.09 19.85
CA ARG A 123 8.66 23.06 19.21
C ARG A 123 7.87 21.76 19.19
N ILE A 124 7.81 21.12 18.02
CA ILE A 124 6.86 20.05 17.75
C ILE A 124 7.61 18.72 17.74
N ALA A 125 6.99 17.70 18.33
CA ALA A 125 7.44 16.32 18.24
C ALA A 125 6.56 15.61 17.22
N PHE A 126 7.10 15.35 16.03
CA PHE A 126 6.42 14.57 15.01
C PHE A 126 6.67 13.09 15.24
N VAL A 127 5.60 12.31 15.30
CA VAL A 127 5.69 10.85 15.38
C VAL A 127 5.18 10.30 14.05
N LEU A 128 6.09 9.73 13.26
CA LEU A 128 5.76 9.18 11.96
C LEU A 128 5.63 7.66 12.09
N VAL A 129 4.44 7.15 11.77
CA VAL A 129 4.16 5.72 11.78
C VAL A 129 3.99 5.29 10.33
N VAL A 130 4.96 4.56 9.81
CA VAL A 130 5.08 4.32 8.38
C VAL A 130 5.19 2.82 8.11
N HIS A 131 4.82 2.46 6.87
CA HIS A 131 4.94 1.08 6.38
C HIS A 131 4.94 1.12 4.86
N GLY A 132 5.35 0.01 4.25
CA GLY A 132 5.32 -0.12 2.81
C GLY A 132 6.67 0.14 2.17
N ARG A 133 6.61 0.53 0.88
CA ARG A 133 7.80 0.67 0.05
C ARG A 133 8.10 2.09 -0.41
N ALA A 134 7.25 3.06 -0.09
CA ALA A 134 7.32 4.38 -0.74
C ALA A 134 8.30 5.31 -0.02
N SER A 135 9.56 4.87 0.03
CA SER A 135 10.58 5.61 0.77
C SER A 135 10.85 6.98 0.17
N ARG A 136 10.80 7.10 -1.16
CA ARG A 136 11.11 8.38 -1.78
C ARG A 136 10.00 9.40 -1.58
N GLN A 137 8.74 8.96 -1.52
CA GLN A 137 7.66 9.88 -1.19
C GLN A 137 7.74 10.31 0.28
N LEU A 138 8.09 9.39 1.17
CA LEU A 138 8.29 9.76 2.57
C LEU A 138 9.41 10.78 2.71
N GLN A 139 10.51 10.59 1.96
CA GLN A 139 11.61 11.54 2.00
C GLN A 139 11.18 12.92 1.53
N ARG A 140 10.34 12.98 0.51
CA ARG A 140 9.84 14.26 0.02
C ARG A 140 8.99 14.95 1.08
N MET A 141 8.11 14.21 1.73
CA MET A 141 7.26 14.80 2.77
C MET A 141 8.08 15.23 3.97
N PHE A 142 9.00 14.36 4.42
CA PHE A 142 9.91 14.74 5.50
C PHE A 142 10.64 16.03 5.17
N LYS A 143 11.00 16.21 3.90
CA LYS A 143 11.67 17.43 3.47
C LYS A 143 10.76 18.64 3.64
N ALA A 144 9.47 18.48 3.35
CA ALA A 144 8.56 19.61 3.43
C ALA A 144 8.29 20.05 4.86
N ILE A 145 8.32 19.11 5.82
CA ILE A 145 7.94 19.43 7.20
C ILE A 145 9.13 19.66 8.12
N TYR A 146 10.35 19.49 7.64
CA TYR A 146 11.50 19.53 8.52
C TYR A 146 11.84 20.96 8.93
N HIS A 147 12.18 21.13 10.22
CA HIS A 147 12.84 22.32 10.70
C HIS A 147 13.73 21.93 11.87
N LYS A 148 14.90 22.56 11.97
CA LYS A 148 15.90 22.16 12.95
C LYS A 148 15.40 22.27 14.38
N ASP A 149 14.36 23.06 14.64
CA ASP A 149 13.84 23.26 15.99
C ASP A 149 12.83 22.20 16.42
N HIS A 150 12.31 21.40 15.49
CA HIS A 150 11.34 20.36 15.82
C HIS A 150 12.06 19.05 16.09
N PHE A 151 11.30 17.97 16.29
CA PHE A 151 11.83 16.65 16.57
C PHE A 151 11.02 15.61 15.82
N TYR A 152 11.68 14.51 15.42
CA TYR A 152 11.07 13.52 14.55
C TYR A 152 11.40 12.12 15.05
N TYR A 153 10.35 11.36 15.40
CA TYR A 153 10.46 10.02 15.97
C TYR A 153 9.68 9.06 15.07
N ILE A 154 10.38 8.13 14.43
CA ILE A 154 9.84 7.35 13.32
C ILE A 154 9.72 5.89 13.73
N HIS A 155 8.50 5.35 13.66
CA HIS A 155 8.23 3.94 13.91
C HIS A 155 7.92 3.26 12.58
N VAL A 156 8.73 2.26 12.22
CA VAL A 156 8.57 1.55 10.95
C VAL A 156 7.99 0.17 11.26
N ASP A 157 6.87 -0.15 10.60
CA ASP A 157 6.24 -1.45 10.73
C ASP A 157 7.28 -2.57 10.70
N LYS A 158 7.15 -3.50 11.64
CA LYS A 158 8.12 -4.59 11.75
C LYS A 158 8.24 -5.37 10.44
N ARG A 159 7.21 -5.36 9.61
CA ARG A 159 7.19 -6.12 8.37
C ARG A 159 7.80 -5.36 7.18
N SER A 160 8.21 -4.11 7.37
CA SER A 160 8.72 -3.27 6.29
C SER A 160 10.21 -3.01 6.48
N ASN A 161 11.02 -4.05 6.24
CA ASN A 161 12.44 -3.94 6.55
C ASN A 161 13.18 -3.04 5.54
N TYR A 162 12.80 -3.08 4.27
CA TYR A 162 13.40 -2.18 3.30
C TYR A 162 13.24 -0.72 3.74
N LEU A 163 12.01 -0.32 4.05
CA LEU A 163 11.75 1.06 4.46
C LEU A 163 12.55 1.40 5.71
N HIS A 164 12.71 0.45 6.63
CA HIS A 164 13.43 0.73 7.87
C HIS A 164 14.90 1.03 7.60
N ARG A 165 15.49 0.36 6.60
CA ARG A 165 16.87 0.65 6.25
C ARG A 165 17.02 2.04 5.65
N GLN A 166 16.02 2.49 4.87
CA GLN A 166 16.07 3.82 4.30
C GLN A 166 15.88 4.89 5.39
N VAL A 167 14.95 4.65 6.31
CA VAL A 167 14.73 5.59 7.41
C VAL A 167 15.99 5.70 8.27
N LEU A 168 16.70 4.59 8.47
CA LEU A 168 17.90 4.62 9.30
C LEU A 168 18.94 5.59 8.74
N GLN A 169 19.04 5.69 7.42
CA GLN A 169 19.98 6.65 6.83
C GLN A 169 19.59 8.08 7.13
N VAL A 170 18.29 8.35 7.30
CA VAL A 170 17.83 9.69 7.65
C VAL A 170 18.19 10.00 9.11
N SER A 171 17.87 9.07 10.02
CA SER A 171 18.13 9.31 11.43
C SER A 171 19.62 9.49 11.71
N ARG A 172 20.47 8.89 10.88
CA ARG A 172 21.91 9.01 11.07
C ARG A 172 22.46 10.36 10.59
N GLN A 173 21.72 11.08 9.75
CA GLN A 173 22.18 12.37 9.25
C GLN A 173 21.86 13.54 10.17
N TYR A 174 20.76 13.47 10.91
CA TYR A 174 20.24 14.61 11.66
C TYR A 174 20.09 14.26 13.14
N SER A 175 20.53 15.19 13.99
CA SER A 175 20.52 14.95 15.43
C SER A 175 19.13 15.03 16.04
N ASN A 176 18.18 15.68 15.38
CA ASN A 176 16.81 15.75 15.86
C ASN A 176 15.90 14.72 15.21
N VAL A 177 16.46 13.62 14.72
CA VAL A 177 15.71 12.54 14.09
C VAL A 177 16.15 11.22 14.71
N ARG A 178 15.19 10.46 15.24
CA ARG A 178 15.47 9.17 15.85
C ARG A 178 14.40 8.17 15.40
N VAL A 179 14.75 6.88 15.48
CA VAL A 179 13.85 5.79 15.14
C VAL A 179 13.57 4.97 16.38
N THR A 180 12.35 4.45 16.48
CA THR A 180 11.99 3.62 17.62
C THR A 180 12.79 2.31 17.56
N PRO A 181 13.50 1.94 18.63
CA PRO A 181 14.22 0.66 18.60
C PRO A 181 13.29 -0.54 18.60
N TRP A 182 12.11 -0.41 19.21
CA TRP A 182 11.07 -1.42 19.15
C TRP A 182 10.20 -1.20 17.92
N ARG A 183 9.68 -2.28 17.36
CA ARG A 183 8.87 -2.22 16.14
C ARG A 183 7.74 -3.23 16.23
N MET A 184 6.52 -2.77 16.01
CA MET A 184 5.33 -3.61 16.05
C MET A 184 4.80 -3.85 14.64
N ALA A 185 4.00 -4.90 14.51
CA ALA A 185 3.31 -5.21 13.26
C ALA A 185 1.92 -4.58 13.32
N THR A 186 1.84 -3.31 12.92
CA THR A 186 0.63 -2.51 13.10
C THR A 186 -0.35 -2.75 11.95
N ILE A 187 -1.12 -3.82 12.08
CA ILE A 187 -2.15 -4.13 11.09
C ILE A 187 -3.26 -3.09 11.17
N TRP A 188 -4.02 -2.99 10.08
CA TRP A 188 -5.13 -2.04 10.04
C TRP A 188 -6.16 -2.42 11.10
N GLY A 189 -6.57 -1.43 11.89
CA GLY A 189 -7.54 -1.63 12.94
C GLY A 189 -7.01 -2.32 14.19
N GLY A 190 -5.75 -2.71 14.21
CA GLY A 190 -5.24 -3.49 15.32
C GLY A 190 -5.14 -2.69 16.60
N ALA A 191 -5.24 -3.42 17.72
CA ALA A 191 -5.06 -2.79 19.02
C ALA A 191 -3.63 -2.28 19.20
N SER A 192 -2.67 -2.83 18.47
CA SER A 192 -1.27 -2.46 18.64
C SER A 192 -0.97 -1.02 18.22
N LEU A 193 -1.84 -0.39 17.44
CA LEU A 193 -1.59 1.01 17.08
C LEU A 193 -1.66 1.91 18.30
N LEU A 194 -2.56 1.62 19.24
CA LEU A 194 -2.60 2.41 20.46
C LEU A 194 -1.37 2.13 21.34
N SER A 195 -1.00 0.87 21.47
CA SER A 195 0.22 0.54 22.20
C SER A 195 1.42 1.26 21.60
N THR A 196 1.45 1.38 20.27
CA THR A 196 2.52 2.11 19.60
C THR A 196 2.55 3.57 20.05
N TYR A 197 1.39 4.24 20.00
CA TYR A 197 1.35 5.64 20.38
C TYR A 197 1.71 5.84 21.84
N LEU A 198 1.17 5.01 22.73
CA LEU A 198 1.39 5.19 24.17
C LEU A 198 2.85 4.95 24.53
N GLN A 199 3.50 3.99 23.87
CA GLN A 199 4.91 3.75 24.14
C GLN A 199 5.78 4.88 23.59
N SER A 200 5.46 5.38 22.40
CA SER A 200 6.23 6.50 21.85
C SER A 200 6.06 7.75 22.70
N MET A 201 4.88 7.92 23.31
CA MET A 201 4.68 9.05 24.22
C MET A 201 5.53 8.91 25.47
N ARG A 202 5.62 7.70 26.02
CA ARG A 202 6.48 7.48 27.18
C ARG A 202 7.94 7.75 26.83
N ASP A 203 8.41 7.18 25.71
CA ASP A 203 9.77 7.42 25.26
C ASP A 203 10.06 8.91 25.13
N LEU A 204 9.16 9.65 24.48
CA LEU A 204 9.42 11.06 24.19
C LEU A 204 9.45 11.90 25.46
N LEU A 205 8.59 11.58 26.43
CA LEU A 205 8.59 12.34 27.68
C LEU A 205 9.88 12.12 28.47
N GLU A 206 10.53 10.98 28.28
CA GLU A 206 11.77 10.71 29.00
C GLU A 206 13.01 11.21 28.27
N MET A 207 12.88 11.66 27.03
CA MET A 207 13.98 12.31 26.31
C MET A 207 14.06 13.76 26.78
N THR A 208 14.81 13.98 27.86
CA THR A 208 14.90 15.32 28.44
C THR A 208 15.63 16.30 27.53
N ASP A 209 16.42 15.83 26.57
CA ASP A 209 17.10 16.72 25.65
C ASP A 209 16.19 17.21 24.52
N TRP A 210 14.93 16.80 24.51
CA TRP A 210 13.95 17.21 23.48
C TRP A 210 12.80 17.92 24.18
N PRO A 211 12.86 19.26 24.36
CA PRO A 211 11.75 20.01 25.00
C PRO A 211 10.62 20.39 24.05
N TRP A 212 9.74 19.42 23.78
CA TRP A 212 8.65 19.62 22.83
C TRP A 212 7.36 20.04 23.55
N ASP A 213 6.49 20.69 22.78
CA ASP A 213 5.24 21.24 23.29
C ASP A 213 4.00 20.57 22.73
N PHE A 214 4.08 19.99 21.52
CA PHE A 214 2.95 19.34 20.89
C PHE A 214 3.37 18.00 20.31
N PHE A 215 2.39 17.11 20.20
CA PHE A 215 2.55 15.77 19.65
C PHE A 215 1.67 15.67 18.42
N ILE A 216 2.28 15.33 17.28
CA ILE A 216 1.56 15.23 16.01
C ILE A 216 1.94 13.91 15.34
N ASN A 217 0.93 13.12 14.97
CA ASN A 217 1.16 11.85 14.30
C ASN A 217 0.89 11.98 12.80
N LEU A 218 1.74 11.36 11.99
CA LEU A 218 1.63 11.38 10.54
C LEU A 218 1.99 10.02 9.97
N SER A 219 1.38 9.68 8.84
CA SER A 219 1.73 8.49 8.07
C SER A 219 2.48 8.90 6.82
N ALA A 220 2.96 7.89 6.08
CA ALA A 220 3.67 8.15 4.84
C ALA A 220 2.76 8.67 3.73
N ALA A 221 1.45 8.69 3.94
CA ALA A 221 0.51 9.20 2.95
C ALA A 221 -0.07 10.56 3.33
N ASP A 222 0.47 11.22 4.34
CA ASP A 222 0.08 12.58 4.70
C ASP A 222 0.96 13.60 4.00
N TYR A 223 0.49 14.85 3.95
CA TYR A 223 1.27 15.94 3.39
C TYR A 223 0.79 17.27 3.96
N PRO A 224 1.68 18.22 4.23
CA PRO A 224 1.23 19.54 4.71
C PRO A 224 0.53 20.33 3.61
N ILE A 225 -0.45 21.13 4.02
CA ILE A 225 -1.13 22.07 3.13
C ILE A 225 -0.93 23.51 3.58
N ARG A 226 -0.06 23.75 4.56
CA ARG A 226 0.36 25.09 4.92
C ARG A 226 1.80 25.02 5.40
N THR A 227 2.48 26.16 5.35
CA THR A 227 3.91 26.20 5.67
C THR A 227 4.13 25.90 7.16
N ASN A 228 5.39 25.55 7.47
CA ASN A 228 5.77 25.33 8.86
C ASN A 228 5.62 26.61 9.68
N ASP A 229 5.92 27.77 9.08
CA ASP A 229 5.80 29.03 9.80
C ASP A 229 4.37 29.28 10.26
N GLN A 230 3.39 28.97 9.40
CA GLN A 230 1.99 29.18 9.77
C GLN A 230 1.55 28.17 10.82
N LEU A 231 1.99 26.92 10.69
CA LEU A 231 1.70 25.90 11.70
C LEU A 231 2.19 26.35 13.07
N VAL A 232 3.42 26.86 13.15
CA VAL A 232 3.99 27.27 14.42
C VAL A 232 3.26 28.50 14.97
N ALA A 233 2.93 29.46 14.11
CA ALA A 233 2.22 30.64 14.57
C ALA A 233 0.87 30.28 15.17
N PHE A 234 0.15 29.36 14.51
CA PHE A 234 -1.17 28.95 15.00
C PHE A 234 -1.06 28.22 16.34
N LEU A 235 -0.16 27.24 16.43
CA LEU A 235 -0.06 26.44 17.64
C LEU A 235 0.57 27.23 18.79
N SER A 236 1.45 28.18 18.49
CA SER A 236 2.03 29.04 19.52
C SER A 236 0.95 29.87 20.21
N ARG A 237 -0.13 30.19 19.50
CA ARG A 237 -1.22 30.95 20.09
C ARG A 237 -2.15 30.08 20.93
N TYR A 238 -2.32 28.81 20.55
CA TYR A 238 -3.26 27.92 21.23
C TYR A 238 -2.54 26.75 21.89
N ARG A 239 -1.48 27.03 22.65
CA ARG A 239 -0.61 25.95 23.12
C ARG A 239 -1.22 25.14 24.25
N ASP A 240 -2.32 25.59 24.86
CA ASP A 240 -2.99 24.84 25.91
C ASP A 240 -4.21 24.08 25.41
N MET A 241 -4.40 23.98 24.10
CA MET A 241 -5.54 23.29 23.53
C MET A 241 -5.13 21.91 23.01
N ASN A 242 -6.13 21.04 22.85
CA ASN A 242 -5.97 19.73 22.24
C ASN A 242 -6.92 19.61 21.05
N PHE A 243 -6.43 19.06 19.95
CA PHE A 243 -7.14 19.08 18.67
C PHE A 243 -7.53 17.64 18.29
N LEU A 244 -8.80 17.32 18.47
CA LEU A 244 -9.37 16.03 18.13
C LEU A 244 -10.70 16.25 17.42
N LYS A 245 -10.97 15.45 16.40
CA LYS A 245 -12.22 15.57 15.65
C LYS A 245 -13.13 14.39 15.94
N SER A 246 -14.38 14.69 16.27
CA SER A 246 -15.40 13.71 16.57
C SER A 246 -16.14 13.29 15.31
N HIS A 247 -16.93 12.21 15.43
CA HIS A 247 -17.50 11.57 14.25
C HIS A 247 -18.45 12.49 13.51
N GLY A 248 -19.19 13.33 14.23
CA GLY A 248 -20.12 14.25 13.58
C GLY A 248 -21.41 13.60 13.11
N ARG A 249 -21.97 12.73 13.93
CA ARG A 249 -23.21 12.02 13.59
C ARG A 249 -23.85 11.56 14.90
N ASP A 250 -24.66 10.50 14.82
CA ASP A 250 -25.32 9.96 16.00
C ASP A 250 -24.35 9.08 16.79
N ASN A 251 -24.30 9.28 18.10
CA ASN A 251 -23.29 8.61 18.91
C ASN A 251 -23.60 7.12 19.07
N ALA A 252 -24.88 6.78 19.21
CA ALA A 252 -25.23 5.37 19.32
C ALA A 252 -24.83 4.61 18.06
N ARG A 253 -25.10 5.20 16.88
CA ARG A 253 -24.71 4.57 15.63
C ARG A 253 -23.19 4.49 15.50
N PHE A 254 -22.46 5.47 16.04
CA PHE A 254 -21.01 5.42 15.99
C PHE A 254 -20.48 4.21 16.75
N ILE A 255 -21.05 3.93 17.93
CA ILE A 255 -20.58 2.83 18.76
C ILE A 255 -20.81 1.49 18.06
N ARG A 256 -22.00 1.30 17.50
CA ARG A 256 -22.30 0.03 16.83
C ARG A 256 -21.39 -0.20 15.63
N LYS A 257 -21.28 0.81 14.76
CA LYS A 257 -20.54 0.64 13.51
C LYS A 257 -19.04 0.50 13.76
N GLN A 258 -18.53 1.09 14.83
CA GLN A 258 -17.13 0.88 15.22
C GLN A 258 -16.91 -0.45 15.92
N GLY A 259 -17.97 -1.13 16.33
CA GLY A 259 -17.83 -2.37 17.07
C GLY A 259 -17.31 -2.19 18.47
N LEU A 260 -17.52 -1.02 19.08
CA LEU A 260 -17.00 -0.75 20.41
C LEU A 260 -17.67 -1.61 21.48
N ASP A 261 -18.88 -2.11 21.21
CA ASP A 261 -19.54 -3.02 22.14
C ASP A 261 -19.19 -4.48 21.88
N ARG A 262 -18.11 -4.74 21.13
CA ARG A 262 -17.63 -6.08 20.87
C ARG A 262 -16.22 -6.24 21.44
N LEU A 263 -15.90 -7.46 21.86
CA LEU A 263 -14.58 -7.76 22.40
C LEU A 263 -13.68 -8.29 21.31
N PHE A 264 -12.50 -7.67 21.14
CA PHE A 264 -11.54 -8.07 20.14
C PHE A 264 -10.21 -8.43 20.80
N LEU A 265 -9.44 -9.27 20.11
CA LEU A 265 -8.11 -9.67 20.57
C LEU A 265 -7.17 -9.73 19.37
N GLU A 266 -6.03 -9.07 19.48
CA GLU A 266 -5.02 -9.08 18.42
C GLU A 266 -4.05 -10.22 18.67
N CYS A 267 -3.90 -11.11 17.69
CA CYS A 267 -2.98 -12.23 17.82
C CYS A 267 -2.73 -12.82 16.44
N ASP A 268 -1.47 -13.13 16.15
CA ASP A 268 -1.07 -13.67 14.84
C ASP A 268 -1.42 -12.70 13.72
N ALA A 269 -1.23 -11.40 13.98
CA ALA A 269 -1.47 -10.36 12.98
C ALA A 269 -2.90 -10.41 12.46
N HIS A 270 -3.85 -10.66 13.36
CA HIS A 270 -5.26 -10.70 13.04
C HIS A 270 -6.06 -10.22 14.25
N MET A 271 -7.19 -9.56 13.99
CA MET A 271 -8.09 -9.11 15.06
C MET A 271 -9.27 -10.06 15.14
N TRP A 272 -9.29 -10.87 16.19
CA TRP A 272 -10.36 -11.86 16.39
C TRP A 272 -11.47 -11.25 17.23
N ARG A 273 -12.70 -11.35 16.74
CA ARG A 273 -13.88 -10.95 17.50
C ARG A 273 -14.34 -12.11 18.36
N LEU A 274 -14.46 -11.87 19.67
CA LEU A 274 -14.70 -12.95 20.62
C LEU A 274 -16.05 -12.88 21.32
N GLY A 275 -16.82 -11.82 21.11
CA GLY A 275 -18.15 -11.76 21.67
C GLY A 275 -18.51 -10.33 22.05
N ASP A 276 -19.56 -10.22 22.85
CA ASP A 276 -20.12 -8.92 23.23
C ASP A 276 -19.53 -8.42 24.54
N ARG A 277 -19.76 -7.14 24.82
CA ARG A 277 -19.37 -6.54 26.09
C ARG A 277 -20.18 -5.27 26.27
N ARG A 278 -20.24 -4.80 27.52
CA ARG A 278 -21.00 -3.60 27.83
C ARG A 278 -20.11 -2.37 27.81
N ILE A 279 -20.71 -1.25 27.38
CA ILE A 279 -20.09 0.07 27.52
C ILE A 279 -20.14 0.42 29.01
N PRO A 280 -19.01 0.71 29.65
CA PRO A 280 -19.05 0.96 31.10
C PRO A 280 -19.87 2.19 31.44
N GLU A 281 -20.47 2.16 32.63
CA GLU A 281 -21.34 3.23 33.09
C GLU A 281 -20.53 4.39 33.67
N GLY A 282 -21.14 5.57 33.63
CA GLY A 282 -20.60 6.73 34.32
C GLY A 282 -19.73 7.64 33.49
N ILE A 283 -19.48 7.32 32.22
CA ILE A 283 -18.61 8.13 31.38
C ILE A 283 -19.24 8.29 30.00
N ALA A 284 -18.89 9.40 29.35
CA ALA A 284 -19.31 9.65 27.97
C ALA A 284 -18.26 9.09 27.02
N VAL A 285 -18.68 8.19 26.14
CA VAL A 285 -17.80 7.58 25.15
C VAL A 285 -17.95 8.36 23.85
N ASP A 286 -16.80 8.69 23.23
CA ASP A 286 -16.79 9.47 22.01
C ASP A 286 -15.63 9.01 21.15
N GLY A 287 -15.65 9.42 19.88
CA GLY A 287 -14.58 9.05 18.97
C GLY A 287 -14.76 9.71 17.63
N GLY A 288 -13.76 9.48 16.77
CA GLY A 288 -13.78 10.02 15.43
C GLY A 288 -12.52 9.64 14.66
N SER A 289 -11.76 10.64 14.23
CA SER A 289 -10.52 10.39 13.51
C SER A 289 -9.39 10.08 14.49
N ASP A 290 -8.51 9.15 14.10
CA ASP A 290 -7.32 8.86 14.89
C ASP A 290 -6.10 9.68 14.45
N TRP A 291 -6.33 10.81 13.79
CA TRP A 291 -5.28 11.78 13.48
C TRP A 291 -5.58 13.06 14.27
N PHE A 292 -4.59 13.51 15.07
CA PHE A 292 -4.84 14.53 16.07
C PHE A 292 -3.57 15.30 16.38
N LEU A 293 -3.71 16.30 17.27
CA LEU A 293 -2.58 17.03 17.85
C LEU A 293 -2.86 17.23 19.34
N LEU A 294 -1.94 16.77 20.18
CA LEU A 294 -2.11 16.84 21.63
C LEU A 294 -0.94 17.59 22.26
N ASN A 295 -1.23 18.42 23.26
CA ASN A 295 -0.19 19.18 23.92
C ASN A 295 0.48 18.33 25.01
N ARG A 296 1.66 18.80 25.45
CA ARG A 296 2.51 17.99 26.32
C ARG A 296 1.83 17.69 27.65
N ARG A 297 1.08 18.66 28.19
CA ARG A 297 0.44 18.45 29.48
C ARG A 297 -0.54 17.28 29.42
N PHE A 298 -1.30 17.16 28.33
CA PHE A 298 -2.25 16.07 28.22
C PHE A 298 -1.54 14.73 28.00
N VAL A 299 -0.45 14.73 27.22
CA VAL A 299 0.32 13.51 27.03
C VAL A 299 0.92 13.04 28.34
N GLU A 300 1.39 13.99 29.16
CA GLU A 300 1.87 13.63 30.50
C GLU A 300 0.77 12.96 31.32
N TYR A 301 -0.43 13.53 31.27
CA TYR A 301 -1.55 12.95 32.02
C TYR A 301 -1.83 11.52 31.57
N VAL A 302 -1.97 11.30 30.27
CA VAL A 302 -2.28 9.96 29.76
C VAL A 302 -1.20 8.97 30.17
N THR A 303 0.06 9.40 30.17
CA THR A 303 1.16 8.46 30.34
C THR A 303 1.35 8.06 31.80
N PHE A 304 1.25 9.03 32.73
CA PHE A 304 1.67 8.79 34.11
C PHE A 304 0.53 8.78 35.12
N SER A 305 -0.66 9.24 34.77
CA SER A 305 -1.76 9.24 35.73
C SER A 305 -2.14 7.82 36.12
N THR A 306 -2.51 7.65 37.39
CA THR A 306 -2.99 6.36 37.89
C THR A 306 -4.43 6.44 38.37
N ASP A 307 -5.17 7.46 37.98
CA ASP A 307 -6.53 7.60 38.47
C ASP A 307 -7.44 6.57 37.80
N ASP A 308 -8.70 6.53 38.28
CA ASP A 308 -9.62 5.49 37.86
C ASP A 308 -9.88 5.53 36.36
N LEU A 309 -9.91 6.73 35.78
CA LEU A 309 -10.28 6.87 34.37
C LEU A 309 -9.20 6.30 33.45
N VAL A 310 -7.94 6.70 33.66
CA VAL A 310 -6.87 6.28 32.76
C VAL A 310 -6.60 4.79 32.92
N THR A 311 -6.62 4.28 34.15
CA THR A 311 -6.29 2.88 34.39
C THR A 311 -7.29 1.95 33.69
N LYS A 312 -8.58 2.21 33.86
CA LYS A 312 -9.59 1.33 33.30
C LYS A 312 -9.69 1.48 31.79
N MET A 313 -9.47 2.69 31.25
CA MET A 313 -9.56 2.87 29.81
C MET A 313 -8.41 2.20 29.08
N LYS A 314 -7.22 2.15 29.68
CA LYS A 314 -6.13 1.41 29.07
C LYS A 314 -6.44 -0.09 29.00
N GLN A 315 -7.12 -0.61 30.03
CA GLN A 315 -7.54 -2.01 30.01
C GLN A 315 -8.62 -2.23 28.97
N PHE A 316 -9.64 -1.37 28.95
CA PHE A 316 -10.73 -1.50 28.00
C PHE A 316 -10.21 -1.48 26.57
N TYR A 317 -9.33 -0.54 26.24
CA TYR A 317 -8.89 -0.35 24.87
C TYR A 317 -7.74 -1.27 24.46
N SER A 318 -7.30 -2.16 25.35
CA SER A 318 -6.36 -3.21 24.95
C SER A 318 -7.04 -4.28 24.09
N TYR A 319 -8.36 -4.36 24.14
CA TYR A 319 -9.15 -5.37 23.44
C TYR A 319 -10.20 -4.70 22.54
N THR A 320 -9.81 -3.62 21.87
CA THR A 320 -10.74 -2.81 21.10
C THR A 320 -10.24 -2.66 19.66
N LEU A 321 -11.17 -2.75 18.72
CA LEU A 321 -10.89 -2.47 17.32
C LEU A 321 -10.79 -0.96 17.09
N LEU A 322 -9.83 -0.55 16.27
CA LEU A 322 -9.61 0.86 15.97
C LEU A 322 -9.52 1.70 17.24
N PRO A 323 -8.67 1.32 18.21
CA PRO A 323 -8.74 1.98 19.52
C PRO A 323 -8.32 3.43 19.49
N ALA A 324 -7.36 3.79 18.65
CA ALA A 324 -6.91 5.17 18.58
C ALA A 324 -7.97 6.10 18.01
N GLU A 325 -9.05 5.56 17.44
CA GLU A 325 -10.12 6.41 16.94
C GLU A 325 -11.10 6.84 18.03
N SER A 326 -10.97 6.32 19.25
CA SER A 326 -11.88 6.76 20.31
C SER A 326 -11.25 6.79 21.70
N PHE A 327 -10.07 6.20 21.88
CA PHE A 327 -9.45 6.20 23.20
C PHE A 327 -9.17 7.62 23.69
N PHE A 328 -8.49 8.42 22.86
CA PHE A 328 -8.10 9.77 23.31
C PHE A 328 -9.29 10.70 23.45
N HIS A 329 -10.34 10.52 22.63
CA HIS A 329 -11.53 11.32 22.79
C HIS A 329 -12.21 11.02 24.12
N THR A 330 -12.31 9.74 24.48
CA THR A 330 -13.03 9.34 25.68
C THR A 330 -12.30 9.81 26.94
N VAL A 331 -10.98 9.60 27.00
CA VAL A 331 -10.21 10.06 28.15
C VAL A 331 -10.34 11.57 28.31
N LEU A 332 -10.05 12.32 27.24
CA LEU A 332 -10.02 13.78 27.35
C LEU A 332 -11.35 14.33 27.85
N GLU A 333 -12.46 13.91 27.24
CA GLU A 333 -13.76 14.47 27.58
C GLU A 333 -14.17 14.16 29.01
N ASN A 334 -13.65 13.09 29.59
CA ASN A 334 -13.98 12.70 30.96
C ASN A 334 -12.89 13.06 31.97
N SER A 335 -11.81 13.69 31.54
CA SER A 335 -10.67 13.97 32.38
C SER A 335 -10.71 15.40 32.90
N PRO A 336 -9.78 15.77 33.79
CA PRO A 336 -9.70 17.17 34.22
C PRO A 336 -9.37 18.14 33.10
N HIS A 337 -8.82 17.67 31.98
CA HIS A 337 -8.45 18.54 30.87
C HIS A 337 -9.57 18.70 29.85
N CYS A 338 -10.81 18.34 30.21
CA CYS A 338 -11.88 18.26 29.22
C CYS A 338 -12.17 19.61 28.58
N ASP A 339 -11.90 20.71 29.27
CA ASP A 339 -12.22 22.03 28.74
C ASP A 339 -11.17 22.56 27.77
N THR A 340 -10.19 21.75 27.38
CA THR A 340 -9.16 22.14 26.43
C THR A 340 -9.41 21.58 25.03
N MET A 341 -10.55 20.93 24.80
CA MET A 341 -10.78 20.21 23.55
C MET A 341 -11.31 21.15 22.46
N VAL A 342 -10.70 21.06 21.28
CA VAL A 342 -11.20 21.71 20.07
C VAL A 342 -11.67 20.62 19.12
N ASP A 343 -12.92 20.71 18.68
CA ASP A 343 -13.50 19.70 17.78
C ASP A 343 -13.04 19.99 16.35
N ASN A 344 -11.74 19.78 16.13
CA ASN A 344 -11.10 20.00 14.84
C ASN A 344 -9.68 19.46 14.92
N ASN A 345 -9.34 18.49 14.09
CA ASN A 345 -8.01 17.90 14.10
C ASN A 345 -7.07 18.57 13.11
N LEU A 346 -7.48 19.68 12.50
CA LEU A 346 -6.66 20.44 11.56
C LEU A 346 -6.23 19.60 10.36
N ARG A 347 -7.09 18.67 9.92
CA ARG A 347 -6.81 17.80 8.79
C ARG A 347 -7.94 17.87 7.78
N ILE A 348 -7.61 17.59 6.52
CA ILE A 348 -8.58 17.31 5.48
C ILE A 348 -8.41 15.85 5.09
N THR A 349 -9.43 15.03 5.37
CA THR A 349 -9.41 13.61 5.06
C THR A 349 -10.34 13.35 3.88
N ASN A 350 -9.81 12.71 2.84
CA ASN A 350 -10.50 12.54 1.57
C ASN A 350 -11.45 11.33 1.61
N TRP A 351 -12.45 11.43 2.49
CA TRP A 351 -13.45 10.38 2.58
C TRP A 351 -14.34 10.37 1.34
N ASN A 352 -14.59 9.17 0.81
CA ASN A 352 -15.49 8.95 -0.31
C ASN A 352 -16.03 7.53 -0.14
N ARG A 353 -16.85 7.35 0.90
CA ARG A 353 -17.29 6.01 1.28
C ARG A 353 -18.02 5.30 0.16
N LYS A 354 -18.53 6.03 -0.83
CA LYS A 354 -19.03 5.40 -2.05
C LYS A 354 -17.99 4.44 -2.64
N LEU A 355 -16.71 4.80 -2.53
CA LEU A 355 -15.63 3.98 -3.07
C LEU A 355 -14.73 3.35 -2.00
N GLY A 356 -14.64 3.95 -0.82
CA GLY A 356 -13.72 3.49 0.20
C GLY A 356 -14.27 2.48 1.20
N CYS A 357 -15.57 2.17 1.13
CA CYS A 357 -16.19 1.17 2.00
C CYS A 357 -16.52 -0.05 1.17
N LYS A 358 -15.57 -0.99 1.07
CA LYS A 358 -15.78 -2.23 0.35
C LYS A 358 -15.40 -3.45 1.19
N CYS A 359 -15.41 -3.28 2.51
CA CYS A 359 -15.03 -4.35 3.45
C CYS A 359 -13.74 -5.03 2.99
N GLN A 360 -12.77 -4.21 2.58
CA GLN A 360 -11.54 -4.73 1.98
C GLN A 360 -10.53 -5.26 3.00
N TYR A 361 -10.84 -5.18 4.30
CA TYR A 361 -9.94 -5.68 5.34
C TYR A 361 -10.48 -6.94 6.01
N LYS A 362 -11.41 -7.65 5.35
CA LYS A 362 -12.06 -8.79 5.99
C LYS A 362 -11.07 -9.91 6.32
N HIS A 363 -9.97 -10.00 5.58
CA HIS A 363 -8.98 -11.03 5.85
C HIS A 363 -8.03 -10.68 6.99
N ILE A 364 -8.08 -9.44 7.49
CA ILE A 364 -7.21 -9.01 8.56
C ILE A 364 -7.95 -8.85 9.90
N VAL A 365 -9.22 -8.44 9.86
CA VAL A 365 -10.01 -8.24 11.07
C VAL A 365 -11.39 -8.85 10.84
N ASP A 366 -12.04 -9.24 11.93
CA ASP A 366 -13.39 -9.81 11.89
C ASP A 366 -14.44 -8.69 11.93
N TRP A 367 -14.37 -7.83 10.91
CA TRP A 367 -15.20 -6.63 10.85
C TRP A 367 -15.02 -6.02 9.46
N CYS A 368 -15.95 -5.15 9.10
CA CYS A 368 -15.87 -4.42 7.83
C CYS A 368 -15.36 -3.01 8.09
N GLY A 369 -14.37 -2.58 7.30
CA GLY A 369 -13.75 -1.29 7.46
C GLY A 369 -13.81 -0.44 6.20
N CYS A 370 -13.44 0.82 6.37
CA CYS A 370 -13.34 1.79 5.28
C CYS A 370 -12.02 2.53 5.41
N SER A 371 -11.65 3.25 4.36
CA SER A 371 -10.45 4.08 4.41
C SER A 371 -10.58 5.19 3.38
N PRO A 372 -9.88 6.31 3.58
CA PRO A 372 -10.04 7.45 2.67
C PRO A 372 -9.32 7.23 1.34
N ASN A 373 -9.77 7.99 0.34
CA ASN A 373 -9.25 7.88 -1.01
C ASN A 373 -8.01 8.76 -1.19
N ASP A 374 -7.32 8.55 -2.30
CA ASP A 374 -6.16 9.36 -2.67
C ASP A 374 -6.61 10.61 -3.42
N PHE A 375 -5.92 11.71 -3.17
CA PHE A 375 -6.24 12.96 -3.85
C PHE A 375 -5.80 12.92 -5.30
N LYS A 376 -6.53 13.66 -6.16
CA LYS A 376 -6.21 13.80 -7.57
C LYS A 376 -6.04 15.28 -7.90
N PRO A 377 -5.54 15.62 -9.09
CA PRO A 377 -5.32 17.05 -9.40
C PRO A 377 -6.57 17.90 -9.31
N GLN A 378 -7.75 17.35 -9.62
CA GLN A 378 -8.98 18.13 -9.56
C GLN A 378 -9.35 18.53 -8.14
N ASP A 379 -8.71 17.96 -7.13
CA ASP A 379 -9.02 18.26 -5.74
C ASP A 379 -8.22 19.45 -5.19
N PHE A 380 -7.34 20.04 -6.00
CA PHE A 380 -6.42 21.05 -5.48
C PHE A 380 -7.17 22.20 -4.81
N HIS A 381 -8.30 22.61 -5.38
CA HIS A 381 -9.01 23.76 -4.84
C HIS A 381 -9.49 23.53 -3.41
N ARG A 382 -9.61 22.27 -2.98
CA ARG A 382 -10.07 21.98 -1.63
C ARG A 382 -9.02 22.38 -0.59
N PHE A 383 -7.74 22.40 -0.96
CA PHE A 383 -6.70 22.77 -0.01
C PHE A 383 -6.67 24.26 0.29
N GLN A 384 -7.46 25.06 -0.43
CA GLN A 384 -7.45 26.51 -0.26
C GLN A 384 -8.67 27.02 0.51
N GLN A 385 -9.46 26.12 1.10
CA GLN A 385 -10.66 26.54 1.83
C GLN A 385 -10.28 27.36 3.06
N THR A 386 -11.23 28.19 3.50
CA THR A 386 -11.03 29.08 4.63
C THR A 386 -12.07 28.89 5.73
N ALA A 387 -12.95 27.90 5.61
CA ALA A 387 -13.99 27.71 6.61
C ALA A 387 -13.39 27.46 7.99
N ARG A 388 -12.46 26.52 8.08
CA ARG A 388 -11.79 26.19 9.33
C ARG A 388 -10.29 26.07 9.09
N PRO A 389 -9.49 26.22 10.14
CA PRO A 389 -8.03 26.07 9.97
C PRO A 389 -7.65 24.61 9.77
N THR A 390 -6.84 24.36 8.75
CA THR A 390 -6.34 23.03 8.42
C THR A 390 -4.88 23.16 8.00
N PHE A 391 -4.07 22.18 8.39
CA PHE A 391 -2.64 22.22 8.11
C PHE A 391 -2.07 20.96 7.46
N PHE A 392 -2.82 19.86 7.44
CA PHE A 392 -2.37 18.62 6.82
C PHE A 392 -3.56 17.98 6.10
N ALA A 393 -3.24 17.02 5.21
CA ALA A 393 -4.27 16.30 4.47
C ALA A 393 -3.78 14.89 4.17
N ARG A 394 -4.73 14.01 3.82
CA ARG A 394 -4.43 12.63 3.47
C ARG A 394 -5.63 12.07 2.70
N LYS A 395 -5.39 11.05 1.87
CA LYS A 395 -4.10 10.40 1.60
C LYS A 395 -3.50 10.84 0.25
N PHE A 396 -2.19 10.73 0.13
CA PHE A 396 -1.48 10.91 -1.14
C PHE A 396 -0.69 9.65 -1.45
N GLU A 397 -0.71 9.24 -2.71
CA GLU A 397 0.06 8.08 -3.17
C GLU A 397 0.72 8.42 -4.51
N ALA A 398 2.05 8.31 -4.56
CA ALA A 398 2.78 8.66 -5.78
C ALA A 398 2.55 7.65 -6.89
N VAL A 399 2.34 6.37 -6.56
CA VAL A 399 2.04 5.38 -7.59
C VAL A 399 0.62 5.50 -8.10
N VAL A 400 -0.23 6.28 -7.43
CA VAL A 400 -1.60 6.53 -7.88
C VAL A 400 -1.71 7.86 -8.60
N ASN A 401 -1.14 8.92 -8.03
CA ASN A 401 -1.13 10.22 -8.68
C ASN A 401 -0.12 11.15 -8.01
N GLN A 402 0.95 11.46 -8.73
CA GLN A 402 2.00 12.33 -8.20
C GLN A 402 1.80 13.79 -8.57
N GLU A 403 1.04 14.07 -9.64
CA GLU A 403 0.87 15.45 -10.09
C GLU A 403 0.33 16.34 -8.97
N ILE A 404 -0.67 15.86 -8.23
CA ILE A 404 -1.25 16.69 -7.18
C ILE A 404 -0.23 16.96 -6.07
N ILE A 405 0.66 16.01 -5.80
CA ILE A 405 1.71 16.23 -4.81
C ILE A 405 2.62 17.35 -5.27
N GLY A 406 3.05 17.31 -6.53
CA GLY A 406 3.90 18.37 -7.06
C GLY A 406 3.23 19.72 -6.99
N GLN A 407 1.97 19.80 -7.44
CA GLN A 407 1.23 21.05 -7.33
C GLN A 407 1.28 21.60 -5.92
N LEU A 408 1.05 20.74 -4.93
CA LEU A 408 0.96 21.19 -3.56
C LEU A 408 2.32 21.64 -3.04
N ASP A 409 3.38 20.92 -3.38
CA ASP A 409 4.70 21.26 -2.85
C ASP A 409 5.20 22.58 -3.43
N TYR A 410 5.04 22.78 -4.74
CA TYR A 410 5.48 24.03 -5.35
C TYR A 410 4.62 25.20 -4.91
N TYR A 411 3.34 24.96 -4.63
CA TYR A 411 2.47 26.02 -4.16
C TYR A 411 2.89 26.52 -2.78
N LEU A 412 3.40 25.64 -1.93
CA LEU A 412 3.80 26.01 -0.57
C LEU A 412 5.22 26.56 -0.52
N TYR A 413 6.14 26.03 -1.33
CA TYR A 413 7.55 26.35 -1.18
C TYR A 413 8.22 26.75 -2.49
N GLY A 414 7.47 26.98 -3.55
CA GLY A 414 8.00 27.52 -4.79
C GLY A 414 8.56 26.45 -5.71
N ASN A 415 8.71 26.83 -6.98
CA ASN A 415 9.24 25.92 -7.98
C ASN A 415 10.70 25.60 -7.71
N TYR A 416 11.14 24.45 -8.22
CA TYR A 416 12.56 24.13 -8.24
C TYR A 416 13.24 24.89 -9.38
N PRO A 417 14.55 25.07 -9.31
CA PRO A 417 15.24 25.81 -10.38
C PRO A 417 15.03 25.15 -11.73
N ALA A 418 14.99 25.97 -12.77
CA ALA A 418 14.86 25.45 -14.13
C ALA A 418 16.00 24.50 -14.44
N GLY A 419 15.69 23.42 -15.15
CA GLY A 419 16.67 22.40 -15.42
C GLY A 419 16.81 21.35 -14.34
N THR A 420 15.96 21.36 -13.33
CA THR A 420 16.02 20.35 -12.28
C THR A 420 15.51 19.02 -12.84
N PRO A 421 16.25 17.93 -12.70
CA PRO A 421 15.81 16.65 -13.26
C PRO A 421 14.91 15.85 -12.32
N GLY A 422 14.10 14.98 -12.93
CA GLY A 422 13.31 14.00 -12.21
C GLY A 422 12.04 14.51 -11.58
N LEU A 423 11.63 15.76 -11.85
CA LEU A 423 10.48 16.33 -11.16
C LEU A 423 9.19 15.58 -11.48
N ARG A 424 9.06 15.04 -12.69
CA ARG A 424 7.85 14.34 -13.11
C ARG A 424 7.99 12.82 -13.03
N SER A 425 9.08 12.32 -12.47
CA SER A 425 9.34 10.88 -12.40
C SER A 425 9.13 10.37 -10.99
N TYR A 426 8.97 9.04 -10.87
CA TYR A 426 8.86 8.40 -9.57
C TYR A 426 9.45 7.00 -9.63
N TRP A 427 10.26 6.67 -8.64
CA TRP A 427 10.87 5.37 -8.50
C TRP A 427 10.47 4.75 -7.16
N GLU A 428 10.09 3.47 -7.18
CA GLU A 428 9.68 2.78 -5.96
C GLU A 428 10.24 1.38 -5.96
N ASN A 429 11.05 1.07 -4.95
CA ASN A 429 11.70 -0.23 -4.84
C ASN A 429 10.71 -1.29 -4.38
N VAL A 430 10.61 -2.38 -5.15
CA VAL A 430 9.72 -3.49 -4.82
C VAL A 430 10.47 -4.78 -4.52
N TYR A 431 11.80 -4.78 -4.64
CA TYR A 431 12.61 -5.88 -4.12
C TYR A 431 14.02 -5.37 -3.84
N ASP A 432 14.55 -5.75 -2.69
CA ASP A 432 15.90 -5.35 -2.26
C ASP A 432 16.64 -6.59 -1.78
N GLU A 433 17.87 -6.76 -2.29
CA GLU A 433 18.65 -7.97 -2.03
C GLU A 433 18.69 -8.38 -0.57
N PRO A 434 18.93 -7.48 0.39
CA PRO A 434 19.08 -7.94 1.79
C PRO A 434 17.89 -8.72 2.32
N ASP A 435 16.72 -8.63 1.67
CA ASP A 435 15.53 -9.32 2.13
C ASP A 435 15.44 -10.76 1.63
N GLY A 436 16.24 -11.14 0.65
CA GLY A 436 16.36 -12.55 0.26
C GLY A 436 15.34 -12.99 -0.76
N ILE A 437 15.73 -13.96 -1.58
CA ILE A 437 14.86 -14.44 -2.66
C ILE A 437 13.64 -15.18 -2.12
N HIS A 438 13.68 -15.64 -0.87
CA HIS A 438 12.51 -16.27 -0.29
C HIS A 438 11.42 -15.27 0.04
N SER A 439 11.74 -13.97 0.08
CA SER A 439 10.71 -12.95 0.25
C SER A 439 10.00 -12.66 -1.07
N LEU A 440 10.58 -13.09 -2.19
CA LEU A 440 9.89 -13.07 -3.47
C LEU A 440 9.06 -14.35 -3.61
N SER A 441 8.26 -14.40 -4.68
CA SER A 441 7.54 -15.60 -5.05
C SER A 441 8.23 -16.25 -6.24
N ASP A 442 7.84 -17.51 -6.51
CA ASP A 442 8.37 -18.19 -7.68
C ASP A 442 8.04 -17.46 -8.97
N VAL A 443 6.87 -16.81 -9.04
CA VAL A 443 6.48 -16.05 -10.21
C VAL A 443 7.45 -14.88 -10.43
N THR A 444 7.54 -13.99 -9.44
CA THR A 444 8.35 -12.77 -9.63
C THR A 444 9.82 -13.12 -9.81
N LEU A 445 10.32 -14.11 -9.06
CA LEU A 445 11.70 -14.51 -9.22
C LEU A 445 11.97 -14.98 -10.65
N THR A 446 11.08 -15.83 -11.19
CA THR A 446 11.23 -16.31 -12.55
C THR A 446 11.26 -15.14 -13.54
N LEU A 447 10.35 -14.18 -13.40
CA LEU A 447 10.22 -13.14 -14.39
C LEU A 447 11.31 -12.07 -14.25
N TYR A 448 11.69 -11.74 -13.01
CA TYR A 448 12.79 -10.80 -12.83
C TYR A 448 14.08 -11.34 -13.45
N HIS A 449 14.32 -12.64 -13.34
CA HIS A 449 15.45 -13.25 -14.05
C HIS A 449 15.31 -13.07 -15.56
N SER A 450 14.10 -13.26 -16.09
CA SER A 450 13.89 -13.17 -17.52
C SER A 450 14.12 -11.74 -18.03
N PHE A 451 13.62 -10.74 -17.30
CA PHE A 451 13.84 -9.35 -17.68
C PHE A 451 15.32 -9.03 -17.76
N ALA A 452 16.11 -9.55 -16.81
CA ALA A 452 17.55 -9.33 -16.83
C ALA A 452 18.17 -9.91 -18.09
N ARG A 453 17.80 -11.14 -18.45
CA ARG A 453 18.33 -11.75 -19.67
C ARG A 453 17.89 -10.97 -20.91
N LEU A 454 16.68 -10.42 -20.90
CA LEU A 454 16.22 -9.60 -22.01
C LEU A 454 17.11 -8.37 -22.19
N GLY A 455 17.58 -7.80 -21.09
CA GLY A 455 18.48 -6.67 -21.18
C GLY A 455 19.85 -7.04 -21.69
N LEU A 456 20.37 -8.20 -21.27
CA LEU A 456 21.68 -8.63 -21.73
C LEU A 456 21.68 -8.89 -23.24
N ARG A 457 20.57 -9.41 -23.77
CA ARG A 457 20.49 -9.61 -25.21
C ARG A 457 20.40 -8.27 -25.94
N ARG A 458 19.79 -7.27 -25.30
CA ARG A 458 19.77 -5.92 -25.87
C ARG A 458 21.18 -5.36 -26.01
N ALA A 459 22.00 -5.50 -24.97
CA ALA A 459 23.36 -4.97 -25.03
C ALA A 459 24.15 -5.60 -26.16
N GLU A 460 24.05 -6.93 -26.32
CA GLU A 460 24.82 -7.62 -27.35
C GLU A 460 24.44 -7.12 -28.74
N THR A 461 23.14 -7.05 -29.03
CA THR A 461 22.69 -6.68 -30.37
C THR A 461 22.91 -5.20 -30.66
N SER A 462 23.10 -4.36 -29.65
CA SER A 462 23.22 -2.92 -29.88
C SER A 462 24.61 -2.49 -30.33
N LEU A 463 25.60 -3.39 -30.27
CA LEU A 463 26.94 -3.09 -30.75
C LEU A 463 27.11 -3.70 -32.13
N HIS A 464 27.49 -2.88 -33.11
CA HIS A 464 27.62 -3.29 -34.49
C HIS A 464 29.11 -3.34 -34.83
N THR A 465 29.65 -4.56 -34.89
CA THR A 465 31.06 -4.77 -35.15
C THR A 465 31.24 -6.12 -35.84
N ASP A 466 32.37 -6.27 -36.54
CA ASP A 466 32.75 -7.55 -37.11
C ASP A 466 33.86 -8.23 -36.32
N GLY A 467 34.40 -7.56 -35.30
CA GLY A 467 35.37 -8.15 -34.41
C GLY A 467 34.72 -8.78 -33.19
N GLU A 468 35.49 -8.87 -32.11
CA GLU A 468 34.95 -9.43 -30.87
C GLU A 468 33.90 -8.49 -30.31
N ASN A 469 32.74 -9.03 -29.97
CA ASN A 469 31.66 -8.25 -29.38
C ASN A 469 31.97 -8.06 -27.89
N SER A 470 32.29 -6.83 -27.51
CA SER A 470 32.59 -6.51 -26.11
C SER A 470 31.34 -6.12 -25.33
N CYS A 471 30.16 -6.55 -25.77
CA CYS A 471 28.92 -6.32 -25.04
C CYS A 471 28.15 -7.63 -24.88
N ARG A 472 28.85 -8.76 -24.87
CA ARG A 472 28.26 -10.06 -24.60
C ARG A 472 28.45 -10.40 -23.12
N TYR A 473 27.36 -10.80 -22.47
CA TYR A 473 27.36 -11.02 -21.03
C TYR A 473 26.82 -12.39 -20.68
N TYR A 474 27.23 -12.89 -19.53
CA TYR A 474 26.72 -14.12 -18.93
C TYR A 474 26.14 -13.77 -17.56
N PRO A 475 24.87 -14.08 -17.26
CA PRO A 475 24.28 -13.62 -16.00
C PRO A 475 24.81 -14.40 -14.80
N MET A 476 24.85 -13.71 -13.66
CA MET A 476 25.37 -14.27 -12.42
C MET A 476 24.40 -14.01 -11.28
N GLY A 477 24.16 -15.04 -10.47
CA GLY A 477 23.38 -14.87 -9.26
C GLY A 477 21.97 -14.37 -9.51
N HIS A 478 21.42 -13.70 -8.52
CA HIS A 478 20.04 -13.24 -8.53
C HIS A 478 19.97 -11.72 -8.61
N PRO A 479 18.81 -11.18 -8.97
CA PRO A 479 18.69 -9.72 -9.06
C PRO A 479 19.02 -9.04 -7.74
N ALA A 480 19.73 -7.92 -7.82
CA ALA A 480 20.11 -7.18 -6.62
C ALA A 480 19.01 -6.24 -6.15
N SER A 481 18.25 -5.65 -7.08
CA SER A 481 17.12 -4.81 -6.70
C SER A 481 16.18 -4.70 -7.90
N VAL A 482 14.94 -4.32 -7.60
CA VAL A 482 13.91 -4.08 -8.62
C VAL A 482 13.14 -2.82 -8.23
N HIS A 483 12.88 -1.95 -9.21
CA HIS A 483 12.15 -0.71 -9.00
C HIS A 483 10.99 -0.60 -9.98
N LEU A 484 9.88 -0.04 -9.51
CA LEU A 484 8.84 0.47 -10.40
C LEU A 484 9.25 1.84 -10.90
N TYR A 485 8.92 2.13 -12.16
CA TYR A 485 9.31 3.39 -12.82
C TYR A 485 8.07 4.05 -13.39
N PHE A 486 7.79 5.28 -12.94
CA PHE A 486 6.67 6.08 -13.42
C PHE A 486 7.19 7.38 -14.03
N LEU A 487 6.51 7.84 -15.08
CA LEU A 487 6.80 9.15 -15.67
C LEU A 487 5.48 9.85 -15.98
N ALA A 488 5.29 11.02 -15.39
CA ALA A 488 4.07 11.81 -15.60
C ALA A 488 2.82 10.98 -15.31
N ASP A 489 2.89 10.20 -14.23
CA ASP A 489 1.77 9.37 -13.76
C ASP A 489 1.39 8.29 -14.77
N ARG A 490 2.35 7.87 -15.60
CA ARG A 490 2.18 6.75 -16.51
C ARG A 490 3.21 5.68 -16.16
N PHE A 491 2.74 4.46 -15.93
CA PHE A 491 3.62 3.35 -15.59
C PHE A 491 4.53 3.03 -16.78
N GLN A 492 5.85 2.98 -16.51
CA GLN A 492 6.84 2.75 -17.55
C GLN A 492 7.45 1.35 -17.53
N GLY A 493 7.29 0.59 -16.45
CA GLY A 493 7.80 -0.76 -16.36
C GLY A 493 8.71 -0.94 -15.15
N PHE A 494 9.63 -1.89 -15.26
CA PHE A 494 10.52 -2.26 -14.17
C PHE A 494 11.95 -1.89 -14.49
N LEU A 495 12.71 -1.59 -13.44
CA LEU A 495 14.16 -1.43 -13.52
C LEU A 495 14.80 -2.53 -12.68
N ILE A 496 15.64 -3.34 -13.29
CA ILE A 496 16.27 -4.48 -12.63
C ILE A 496 17.77 -4.22 -12.55
N LYS A 497 18.31 -4.23 -11.35
CA LYS A 497 19.75 -4.19 -11.14
C LYS A 497 20.27 -5.62 -10.99
N HIS A 498 21.33 -5.96 -11.71
CA HIS A 498 21.81 -7.33 -11.74
C HIS A 498 23.29 -7.36 -12.13
N HIS A 499 23.94 -8.46 -11.77
CA HIS A 499 25.36 -8.67 -12.03
C HIS A 499 25.54 -9.62 -13.22
N ALA A 500 26.61 -9.38 -13.98
CA ALA A 500 26.90 -10.20 -15.14
C ALA A 500 28.38 -10.07 -15.48
N THR A 501 28.91 -11.11 -16.10
CA THR A 501 30.30 -11.12 -16.54
C THR A 501 30.39 -10.64 -17.98
N ASN A 502 31.23 -9.63 -18.22
CA ASN A 502 31.56 -9.23 -19.58
C ASN A 502 32.52 -10.27 -20.14
N LEU A 503 32.07 -11.02 -21.15
CA LEU A 503 32.84 -12.17 -21.61
C LEU A 503 34.08 -11.78 -22.42
N ALA A 504 34.13 -10.56 -22.96
CA ALA A 504 35.30 -10.15 -23.71
C ALA A 504 36.50 -9.97 -22.79
N VAL A 505 36.32 -9.24 -21.68
CA VAL A 505 37.39 -9.03 -20.72
C VAL A 505 37.30 -9.97 -19.53
N SER A 506 36.23 -10.75 -19.41
CA SER A 506 36.09 -11.75 -18.35
C SER A 506 36.05 -11.09 -16.97
N LYS A 507 35.19 -10.08 -16.83
CA LYS A 507 35.09 -9.31 -15.60
C LYS A 507 33.64 -9.10 -15.22
N LEU A 508 33.37 -9.15 -13.92
CA LEU A 508 32.02 -8.92 -13.40
C LEU A 508 31.65 -7.45 -13.52
N GLU A 509 30.40 -7.19 -13.93
CA GLU A 509 29.87 -5.85 -14.05
C GLU A 509 28.49 -5.80 -13.45
N THR A 510 28.12 -4.63 -12.91
CA THR A 510 26.81 -4.41 -12.33
C THR A 510 26.01 -3.48 -13.24
N LEU A 511 24.80 -3.88 -13.58
CA LEU A 511 23.99 -3.22 -14.60
C LEU A 511 22.59 -2.97 -14.08
N GLU A 512 21.88 -2.05 -14.75
CA GLU A 512 20.45 -1.85 -14.53
C GLU A 512 19.75 -1.85 -15.87
N THR A 513 18.64 -2.59 -15.96
CA THR A 513 17.89 -2.76 -17.20
C THR A 513 16.47 -2.23 -17.02
N TRP A 514 15.99 -1.54 -18.05
CA TRP A 514 14.64 -1.00 -18.09
C TRP A 514 13.83 -1.82 -19.09
N VAL A 515 12.79 -2.50 -18.59
CA VAL A 515 11.87 -3.25 -19.43
C VAL A 515 10.49 -2.62 -19.34
N MET A 516 9.80 -2.59 -20.47
CA MET A 516 8.50 -1.93 -20.61
C MET A 516 7.54 -2.87 -21.33
N PRO A 517 6.29 -2.99 -20.86
CA PRO A 517 5.36 -3.91 -21.52
C PRO A 517 4.86 -3.36 -22.84
N LYS A 518 4.71 -4.26 -23.82
CA LYS A 518 4.16 -3.89 -25.11
C LYS A 518 2.67 -3.63 -25.00
N LYS A 519 2.19 -2.64 -25.74
CA LYS A 519 0.76 -2.34 -25.77
C LYS A 519 0.01 -3.48 -26.45
N VAL A 520 -1.12 -3.87 -25.86
CA VAL A 520 -1.85 -5.05 -26.32
C VAL A 520 -3.35 -4.78 -26.44
N PHE A 521 -3.82 -3.67 -25.88
CA PHE A 521 -5.23 -3.32 -26.02
C PHE A 521 -5.50 -2.81 -27.43
N LYS A 522 -6.52 -3.37 -28.07
CA LYS A 522 -6.84 -3.05 -29.46
C LYS A 522 -8.34 -2.93 -29.62
N ILE A 523 -8.80 -1.74 -30.02
CA ILE A 523 -10.21 -1.49 -30.31
C ILE A 523 -10.44 -1.71 -31.80
N ALA A 524 -11.68 -2.05 -32.16
CA ALA A 524 -12.04 -2.36 -33.54
C ALA A 524 -13.21 -1.51 -33.98
N SER A 525 -13.28 -1.27 -35.30
CA SER A 525 -14.36 -0.48 -35.86
C SER A 525 -15.72 -1.05 -35.48
N PRO A 526 -16.63 -0.18 -35.07
CA PRO A 526 -17.97 -0.59 -34.64
C PRO A 526 -19.03 0.29 -35.29
N GLY A 531 -19.52 3.94 -29.42
CA GLY A 531 -19.06 2.93 -28.48
C GLY A 531 -18.69 3.51 -27.13
N ARG A 532 -18.93 2.74 -26.07
CA ARG A 532 -18.67 3.20 -24.71
C ARG A 532 -17.36 2.67 -24.13
N LEU A 533 -16.83 1.57 -24.65
CA LEU A 533 -15.64 0.96 -24.07
C LEU A 533 -14.44 1.88 -24.25
N GLN A 534 -13.64 2.02 -23.19
CA GLN A 534 -12.44 2.84 -23.20
C GLN A 534 -11.16 2.06 -23.01
N PHE A 535 -11.18 0.95 -22.27
CA PHE A 535 -9.98 0.19 -21.97
C PHE A 535 -10.38 -1.15 -21.37
N SER A 536 -9.49 -2.12 -21.51
CA SER A 536 -9.68 -3.46 -20.96
C SER A 536 -8.34 -3.99 -20.51
N GLU A 537 -8.33 -4.71 -19.39
CA GLU A 537 -7.08 -5.14 -18.78
C GLU A 537 -7.32 -6.38 -17.94
N VAL A 538 -6.29 -7.21 -17.83
CA VAL A 538 -6.30 -8.42 -17.01
C VAL A 538 -5.19 -8.31 -15.97
N GLY A 539 -5.49 -8.68 -14.74
CA GLY A 539 -4.50 -8.63 -13.69
C GLY A 539 -4.98 -9.31 -12.43
N THR A 540 -4.27 -9.06 -11.33
CA THR A 540 -4.64 -9.57 -10.02
C THR A 540 -4.52 -8.46 -8.99
N ASP A 541 -5.16 -8.68 -7.84
CA ASP A 541 -5.11 -7.73 -6.72
C ASP A 541 -5.74 -6.39 -7.13
N TRP A 542 -6.99 -6.47 -7.56
CA TRP A 542 -7.73 -5.29 -7.98
C TRP A 542 -8.10 -4.44 -6.76
N ASP A 543 -7.75 -3.16 -6.83
CA ASP A 543 -8.03 -2.21 -5.75
C ASP A 543 -9.35 -1.51 -6.07
N ALA A 544 -10.41 -1.89 -5.35
CA ALA A 544 -11.74 -1.36 -5.66
C ALA A 544 -11.86 0.11 -5.29
N LYS A 545 -11.07 0.58 -4.32
CA LYS A 545 -11.15 1.98 -3.91
C LYS A 545 -10.48 2.90 -4.92
N GLU A 546 -9.26 2.56 -5.34
CA GLU A 546 -8.53 3.37 -6.31
C GLU A 546 -8.75 2.93 -7.75
N ARG A 547 -9.46 1.83 -7.97
CA ARG A 547 -9.81 1.37 -9.31
C ARG A 547 -8.56 1.15 -10.17
N LEU A 548 -7.71 0.23 -9.70
CA LEU A 548 -6.51 -0.14 -10.43
C LEU A 548 -6.00 -1.47 -9.88
N PHE A 549 -5.16 -2.13 -10.68
CA PHE A 549 -4.49 -3.35 -10.26
C PHE A 549 -3.22 -3.00 -9.52
N ARG A 550 -3.07 -3.55 -8.31
CA ARG A 550 -1.85 -3.33 -7.53
C ARG A 550 -0.71 -4.27 -7.92
N ASN A 551 -0.98 -5.28 -8.74
CA ASN A 551 0.06 -6.05 -9.43
C ASN A 551 0.40 -5.29 -10.70
N PHE A 552 1.26 -4.29 -10.56
CA PHE A 552 1.42 -3.27 -11.59
C PHE A 552 1.91 -3.88 -12.90
N GLY A 553 2.82 -4.84 -12.84
CA GLY A 553 3.34 -5.44 -14.06
C GLY A 553 2.45 -6.49 -14.70
N GLY A 554 1.36 -6.85 -14.04
CA GLY A 554 0.54 -7.94 -14.54
C GLY A 554 1.29 -9.26 -14.60
N LEU A 555 2.18 -9.50 -13.63
CA LEU A 555 2.96 -10.72 -13.61
C LEU A 555 2.09 -11.86 -13.10
N LEU A 556 2.05 -12.97 -13.86
CA LEU A 556 1.16 -14.07 -13.57
C LEU A 556 1.84 -15.41 -13.81
N GLY A 557 1.48 -16.38 -12.98
CA GLY A 557 1.92 -17.74 -13.14
C GLY A 557 0.74 -18.68 -13.38
N PRO A 558 1.03 -19.97 -13.58
CA PRO A 558 -0.06 -20.91 -13.90
C PRO A 558 -1.07 -21.09 -12.77
N MET A 559 -0.67 -20.89 -11.53
CA MET A 559 -1.56 -21.05 -10.38
C MET A 559 -2.22 -19.75 -9.96
N ASP A 560 -2.14 -18.71 -10.77
CA ASP A 560 -2.81 -17.44 -10.48
C ASP A 560 -4.23 -17.46 -11.02
N GLU A 561 -5.07 -16.59 -10.45
CA GLU A 561 -6.49 -16.51 -10.78
C GLU A 561 -6.76 -15.14 -11.38
N PRO A 562 -6.66 -15.01 -12.70
CA PRO A 562 -6.72 -13.67 -13.32
C PRO A 562 -8.09 -13.02 -13.15
N VAL A 563 -8.08 -11.69 -13.20
CA VAL A 563 -9.28 -10.86 -13.10
C VAL A 563 -9.35 -9.99 -14.35
N GLY A 564 -10.52 -9.96 -14.99
CA GLY A 564 -10.75 -9.11 -16.14
C GLY A 564 -11.46 -7.84 -15.73
N MET A 565 -10.95 -6.70 -16.20
CA MET A 565 -11.51 -5.39 -15.91
C MET A 565 -11.82 -4.65 -17.19
N GLN A 566 -12.90 -3.86 -17.15
CA GLN A 566 -13.28 -2.99 -18.25
C GLN A 566 -13.55 -1.59 -17.72
N LYS A 567 -13.25 -0.59 -18.56
CA LYS A 567 -13.45 0.81 -18.23
C LYS A 567 -14.36 1.44 -19.28
N TRP A 568 -15.40 2.13 -18.82
CA TRP A 568 -16.46 2.62 -19.69
C TRP A 568 -16.63 4.12 -19.56
N GLY A 569 -17.05 4.74 -20.66
CA GLY A 569 -17.45 6.13 -20.68
C GLY A 569 -18.96 6.27 -20.52
N LYS A 570 -19.41 7.52 -20.53
CA LYS A 570 -20.82 7.80 -20.35
C LYS A 570 -21.63 7.32 -21.55
N GLY A 571 -22.92 7.08 -21.33
CA GLY A 571 -23.82 6.64 -22.37
C GLY A 571 -24.91 5.74 -21.86
N PRO A 572 -25.81 5.32 -22.75
CA PRO A 572 -26.93 4.47 -22.34
C PRO A 572 -26.45 3.08 -21.91
N ASN A 573 -27.35 2.37 -21.27
CA ASN A 573 -27.04 1.00 -20.82
C ASN A 573 -26.82 0.10 -22.03
N VAL A 574 -25.88 -0.84 -21.89
CA VAL A 574 -25.53 -1.77 -22.96
C VAL A 574 -25.12 -3.10 -22.34
N THR A 575 -25.23 -4.16 -23.13
CA THR A 575 -24.83 -5.50 -22.72
C THR A 575 -23.79 -6.03 -23.72
N VAL A 576 -22.73 -6.63 -23.21
CA VAL A 576 -21.63 -7.13 -24.03
C VAL A 576 -21.29 -8.54 -23.61
N THR A 577 -20.51 -9.21 -24.47
CA THR A 577 -20.06 -10.58 -24.26
C THR A 577 -18.55 -10.58 -24.06
N VAL A 578 -18.08 -11.45 -23.16
CA VAL A 578 -16.66 -11.55 -22.84
C VAL A 578 -16.21 -12.99 -23.09
N ILE A 579 -15.09 -13.14 -23.78
CA ILE A 579 -14.55 -14.45 -24.14
C ILE A 579 -13.11 -14.53 -23.65
N TRP A 580 -12.77 -15.62 -22.95
CA TRP A 580 -11.41 -15.91 -22.54
C TRP A 580 -10.87 -17.04 -23.39
N VAL A 581 -9.68 -16.84 -23.96
CA VAL A 581 -9.08 -17.79 -24.90
C VAL A 581 -7.66 -18.10 -24.44
N ASP A 582 -7.32 -19.39 -24.39
CA ASP A 582 -6.01 -19.82 -23.91
C ASP A 582 -5.06 -19.98 -25.08
N PRO A 583 -3.77 -20.21 -24.79
CA PRO A 583 -2.74 -20.10 -25.85
C PRO A 583 -2.90 -21.08 -27.00
N VAL A 584 -3.71 -22.13 -26.88
CA VAL A 584 -3.91 -23.06 -27.99
C VAL A 584 -5.35 -23.03 -28.44
N ASN A 585 -6.01 -21.87 -28.29
CA ASN A 585 -7.33 -21.58 -28.84
C ASN A 585 -8.47 -22.29 -28.10
N VAL A 586 -8.25 -22.82 -26.92
CA VAL A 586 -9.34 -23.36 -26.11
C VAL A 586 -10.08 -22.20 -25.47
N ILE A 587 -11.41 -22.18 -25.61
CA ILE A 587 -12.24 -21.13 -25.03
C ILE A 587 -12.55 -21.55 -23.60
N ALA A 588 -12.04 -20.77 -22.63
CA ALA A 588 -12.13 -21.14 -21.23
C ALA A 588 -13.41 -20.66 -20.55
N ALA A 589 -14.02 -19.56 -21.02
CA ALA A 589 -15.19 -19.03 -20.37
C ALA A 589 -15.88 -18.02 -21.27
N THR A 590 -17.19 -17.90 -21.08
CA THR A 590 -18.02 -16.91 -21.78
C THR A 590 -19.10 -16.44 -20.83
N TYR A 591 -19.39 -15.13 -20.87
CA TYR A 591 -20.45 -14.58 -20.05
C TYR A 591 -20.81 -13.18 -20.54
N ASP A 592 -22.06 -12.81 -20.31
CA ASP A 592 -22.55 -11.48 -20.66
C ASP A 592 -22.59 -10.59 -19.41
N ILE A 593 -22.34 -9.30 -19.61
CA ILE A 593 -22.41 -8.32 -18.53
C ILE A 593 -23.36 -7.21 -18.93
N LEU A 594 -24.05 -6.66 -17.94
CA LEU A 594 -24.84 -5.46 -18.12
C LEU A 594 -24.00 -4.25 -17.74
N ILE A 595 -23.90 -3.29 -18.66
CA ILE A 595 -23.18 -2.05 -18.41
C ILE A 595 -24.22 -0.97 -18.19
N GLU A 596 -24.53 -0.70 -16.92
CA GLU A 596 -25.55 0.29 -16.60
C GLU A 596 -25.10 1.68 -17.03
N SER A 597 -26.07 2.59 -17.15
CA SER A 597 -25.79 3.92 -17.63
C SER A 597 -24.73 4.63 -16.81
N THR A 598 -24.69 4.35 -15.50
CA THR A 598 -23.77 5.03 -14.59
C THR A 598 -22.46 4.27 -14.37
N ALA A 599 -22.28 3.13 -15.03
CA ALA A 599 -21.10 2.32 -14.78
C ALA A 599 -19.85 2.99 -15.35
N GLU A 600 -18.77 2.94 -14.58
CA GLU A 600 -17.46 3.44 -15.00
C GLU A 600 -16.42 2.35 -15.07
N PHE A 601 -16.43 1.40 -14.15
CA PHE A 601 -15.54 0.25 -14.17
C PHE A 601 -16.34 -1.00 -13.87
N THR A 602 -15.99 -2.10 -14.54
CA THR A 602 -16.53 -3.42 -14.25
C THR A 602 -15.39 -4.41 -14.20
N HIS A 603 -15.57 -5.46 -13.40
CA HIS A 603 -14.54 -6.48 -13.27
C HIS A 603 -15.18 -7.78 -12.83
N TYR A 604 -14.52 -8.88 -13.17
CA TYR A 604 -15.05 -10.20 -12.83
C TYR A 604 -13.90 -11.21 -12.85
N LYS A 605 -13.94 -12.14 -11.90
CA LYS A 605 -12.93 -13.19 -11.77
C LYS A 605 -13.55 -14.51 -12.19
N PRO A 606 -13.32 -15.00 -13.40
CA PRO A 606 -13.97 -16.24 -13.83
C PRO A 606 -13.42 -17.44 -13.08
N PRO A 607 -14.27 -18.41 -12.72
CA PRO A 607 -13.79 -19.58 -11.98
C PRO A 607 -13.13 -20.60 -12.89
N LEU A 608 -11.80 -20.55 -13.01
CA LEU A 608 -11.06 -21.39 -13.93
C LEU A 608 -10.27 -22.44 -13.16
N ASN A 609 -10.45 -23.71 -13.55
CA ASN A 609 -9.67 -24.78 -12.95
C ASN A 609 -8.18 -24.54 -13.22
N LEU A 610 -7.36 -24.85 -12.22
CA LEU A 610 -5.92 -24.63 -12.29
C LEU A 610 -5.20 -25.95 -12.50
N PRO A 611 -3.95 -25.92 -13.00
CA PRO A 611 -3.22 -24.74 -13.48
C PRO A 611 -3.65 -24.25 -14.85
N LEU A 612 -3.40 -22.97 -15.14
CA LEU A 612 -3.66 -22.42 -16.46
C LEU A 612 -2.55 -22.82 -17.42
N ARG A 613 -2.92 -23.11 -18.66
CA ARG A 613 -1.93 -23.44 -19.67
C ARG A 613 -1.02 -22.22 -19.88
N PRO A 614 0.30 -22.38 -19.85
CA PRO A 614 1.17 -21.21 -20.03
C PRO A 614 1.16 -20.73 -21.47
N GLY A 615 1.44 -19.43 -21.64
CA GLY A 615 1.51 -18.80 -22.93
C GLY A 615 0.72 -17.51 -22.94
N VAL A 616 0.43 -17.01 -24.14
CA VAL A 616 -0.28 -15.75 -24.31
C VAL A 616 -1.77 -16.06 -24.43
N TRP A 617 -2.53 -15.62 -23.45
CA TRP A 617 -3.99 -15.68 -23.47
C TRP A 617 -4.56 -14.45 -24.17
N THR A 618 -5.81 -14.58 -24.61
CA THR A 618 -6.53 -13.48 -25.24
C THR A 618 -7.90 -13.34 -24.59
N VAL A 619 -8.33 -12.10 -24.38
CA VAL A 619 -9.67 -11.79 -23.89
C VAL A 619 -10.35 -10.89 -24.91
N LYS A 620 -11.54 -11.28 -25.33
CA LYS A 620 -12.28 -10.59 -26.38
C LYS A 620 -13.61 -10.08 -25.83
N ILE A 621 -14.03 -8.92 -26.33
CA ILE A 621 -15.32 -8.32 -26.00
C ILE A 621 -16.10 -8.16 -27.30
N LEU A 622 -17.34 -8.65 -27.30
CA LEU A 622 -18.22 -8.58 -28.46
C LEU A 622 -19.52 -7.89 -28.08
N HIS A 623 -20.20 -7.35 -29.09
CA HIS A 623 -21.53 -6.77 -28.92
C HIS A 623 -22.43 -7.38 -30.00
N HIS A 624 -23.25 -8.36 -29.61
CA HIS A 624 -24.08 -9.09 -30.55
C HIS A 624 -23.23 -9.68 -31.67
N TRP A 625 -22.16 -10.37 -31.28
CA TRP A 625 -21.25 -11.05 -32.19
C TRP A 625 -20.39 -10.07 -32.98
N VAL A 626 -20.63 -8.78 -32.86
CA VAL A 626 -19.83 -7.77 -33.54
C VAL A 626 -18.60 -7.50 -32.69
N PRO A 627 -17.39 -7.70 -33.20
CA PRO A 627 -16.19 -7.41 -32.41
C PRO A 627 -16.18 -5.97 -31.90
N VAL A 628 -15.63 -5.80 -30.69
CA VAL A 628 -15.51 -4.49 -30.06
C VAL A 628 -14.04 -4.20 -29.79
N ALA A 629 -13.41 -5.05 -28.99
CA ALA A 629 -12.02 -4.85 -28.61
C ALA A 629 -11.45 -6.17 -28.11
N GLU A 630 -10.13 -6.18 -27.92
CA GLU A 630 -9.46 -7.36 -27.36
C GLU A 630 -8.25 -6.90 -26.57
N THR A 631 -7.76 -7.79 -25.72
CA THR A 631 -6.52 -7.58 -24.98
C THR A 631 -5.87 -8.93 -24.76
N LYS A 632 -4.59 -8.90 -24.39
CA LYS A 632 -3.82 -10.11 -24.16
C LYS A 632 -3.08 -10.01 -22.83
N PHE A 633 -2.78 -11.17 -22.26
CA PHE A 633 -1.98 -11.24 -21.05
C PHE A 633 -1.17 -12.52 -21.08
N LEU A 634 -0.11 -12.56 -20.27
CA LEU A 634 0.86 -13.64 -20.29
C LEU A 634 0.76 -14.46 -19.00
N VAL A 635 0.54 -15.76 -19.16
CA VAL A 635 0.71 -16.72 -18.08
C VAL A 635 2.07 -17.38 -18.29
N ALA A 636 3.03 -17.00 -17.45
CA ALA A 636 4.42 -17.40 -17.69
C ALA A 636 4.71 -18.76 -17.06
N PRO A 637 5.45 -19.63 -17.73
CA PRO A 637 5.94 -20.84 -17.07
C PRO A 637 7.02 -20.49 -16.07
N LEU A 638 7.15 -21.31 -15.04
CA LEU A 638 8.07 -21.07 -13.94
C LEU A 638 9.35 -21.86 -14.14
N THR A 639 10.48 -21.19 -13.90
CA THR A 639 11.78 -21.84 -13.87
C THR A 639 12.24 -22.15 -12.45
N PHE A 640 11.45 -21.79 -11.44
CA PHE A 640 11.80 -22.00 -10.04
C PHE A 640 10.65 -22.69 -9.32
N SER A 641 11.01 -23.56 -8.38
CA SER A 641 10.07 -24.19 -7.46
C SER A 641 10.67 -24.13 -6.07
N ASN A 642 10.01 -23.39 -5.17
CA ASN A 642 10.55 -23.13 -3.84
C ASN A 642 11.93 -22.45 -3.94
N ARG A 643 12.04 -21.54 -4.90
CA ARG A 643 13.27 -20.79 -5.16
C ARG A 643 14.42 -21.68 -5.64
N GLN A 644 14.10 -22.86 -6.17
CA GLN A 644 15.11 -23.77 -6.70
C GLN A 644 14.79 -24.10 -8.15
N PRO A 645 15.80 -24.44 -8.96
CA PRO A 645 15.52 -24.82 -10.35
C PRO A 645 14.49 -25.94 -10.42
N ILE A 646 13.44 -25.71 -11.22
CA ILE A 646 12.31 -26.62 -11.26
C ILE A 646 12.75 -27.96 -11.84
N LYS A 647 12.16 -29.04 -11.31
CA LYS A 647 12.50 -30.40 -11.70
C LYS A 647 11.50 -30.95 -12.71
N PRO A 648 11.90 -31.95 -13.50
CA PRO A 648 11.01 -32.44 -14.58
C PRO A 648 9.60 -32.78 -14.13
N GLU A 649 9.43 -33.53 -13.04
CA GLU A 649 8.10 -33.98 -12.66
C GLU A 649 7.21 -32.83 -12.21
N GLU A 650 7.77 -31.82 -11.55
CA GLU A 650 6.96 -30.68 -11.15
C GLU A 650 6.75 -29.72 -12.32
N ALA A 651 7.68 -29.69 -13.28
CA ALA A 651 7.44 -28.90 -14.49
C ALA A 651 6.27 -29.47 -15.28
N LEU A 652 6.24 -30.79 -15.47
CA LEU A 652 5.16 -31.42 -16.21
C LEU A 652 3.82 -31.23 -15.50
N LYS A 653 3.83 -31.37 -14.17
CA LYS A 653 2.61 -31.20 -13.38
C LYS A 653 2.07 -29.78 -13.47
N LEU A 654 2.96 -28.80 -13.66
CA LEU A 654 2.58 -27.39 -13.54
C LEU A 654 2.29 -26.72 -14.88
N HIS A 655 2.79 -27.26 -15.99
CA HIS A 655 2.78 -26.54 -17.26
C HIS A 655 1.96 -27.24 -18.34
N ASN A 656 1.08 -28.17 -17.97
CA ASN A 656 0.36 -28.97 -18.95
C ASN A 656 -1.14 -28.73 -18.89
N GLY A 657 -1.56 -27.58 -18.41
CA GLY A 657 -2.97 -27.24 -18.38
C GLY A 657 -3.69 -27.83 -17.18
N PRO A 658 -4.98 -27.54 -17.06
CA PRO A 658 -5.71 -27.92 -15.83
C PRO A 658 -5.95 -29.41 -15.74
N LEU A 659 -6.29 -29.84 -14.52
CA LEU A 659 -6.41 -31.26 -14.22
C LEU A 659 -7.51 -31.92 -15.06
N ARG A 660 -8.72 -31.39 -14.97
CA ARG A 660 -9.87 -31.98 -15.65
C ARG A 660 -9.87 -31.75 -17.16
N ASN A 661 -8.74 -31.36 -17.74
CA ASN A 661 -8.65 -31.06 -19.16
C ASN A 661 -9.67 -30.01 -19.59
N ALA A 662 -10.14 -29.21 -18.64
CA ALA A 662 -11.18 -28.23 -18.90
C ALA A 662 -11.16 -27.19 -17.78
N TYR A 663 -11.44 -25.94 -18.14
CA TYR A 663 -11.39 -24.85 -17.17
C TYR A 663 -12.69 -24.69 -16.39
N MET A 664 -13.83 -25.07 -16.96
CA MET A 664 -15.11 -24.99 -16.27
C MET A 664 -15.90 -26.26 -16.58
N GLU A 665 -17.11 -26.33 -16.01
CA GLU A 665 -17.98 -27.47 -16.27
C GLU A 665 -18.50 -27.44 -17.71
N GLN A 666 -19.23 -26.38 -18.06
CA GLN A 666 -19.76 -26.27 -19.40
C GLN A 666 -18.65 -26.02 -20.41
N SER A 667 -18.79 -26.60 -21.59
CA SER A 667 -17.82 -26.46 -22.66
C SER A 667 -18.29 -25.42 -23.68
N PHE A 668 -17.33 -24.88 -24.43
CA PHE A 668 -17.60 -23.86 -25.43
C PHE A 668 -16.98 -24.23 -26.78
N GLN A 669 -16.77 -25.53 -27.01
CA GLN A 669 -16.27 -25.98 -28.30
C GLN A 669 -17.18 -25.57 -29.44
N SER A 670 -18.47 -25.39 -29.16
CA SER A 670 -19.42 -24.91 -30.15
C SER A 670 -19.07 -23.52 -30.68
N LEU A 671 -18.14 -22.81 -30.04
CA LEU A 671 -17.84 -21.43 -30.42
C LEU A 671 -16.56 -21.27 -31.23
N ASN A 672 -15.64 -22.24 -31.19
CA ASN A 672 -14.39 -22.10 -31.93
C ASN A 672 -14.60 -21.83 -33.41
N PRO A 673 -15.42 -22.60 -34.14
CA PRO A 673 -15.64 -22.26 -35.56
C PRO A 673 -16.29 -20.90 -35.76
N VAL A 674 -17.25 -20.52 -34.93
CA VAL A 674 -17.99 -19.28 -35.14
C VAL A 674 -17.06 -18.08 -35.09
N LEU A 675 -16.15 -18.06 -34.12
CA LEU A 675 -15.26 -16.93 -33.91
C LEU A 675 -13.95 -17.05 -34.68
N SER A 676 -13.78 -18.09 -35.50
CA SER A 676 -12.54 -18.32 -36.23
C SER A 676 -11.37 -18.51 -35.26
N LEU A 677 -11.55 -19.41 -34.30
CA LEU A 677 -10.49 -19.83 -33.38
C LEU A 677 -10.25 -21.33 -33.57
N PRO A 678 -9.76 -21.75 -34.74
CA PRO A 678 -9.48 -23.16 -34.95
C PRO A 678 -8.36 -23.65 -34.03
N ILE A 679 -8.50 -24.90 -33.57
CA ILE A 679 -7.51 -25.53 -32.70
C ILE A 679 -6.59 -26.36 -33.58
N ASN A 680 -5.31 -25.98 -33.60
CA ASN A 680 -4.33 -26.63 -34.47
C ASN A 680 -3.75 -27.86 -33.78
N PRO A 681 -3.94 -29.06 -34.32
CA PRO A 681 -3.39 -30.25 -33.64
C PRO A 681 -1.90 -30.21 -33.45
N ALA A 682 -1.16 -29.50 -34.31
CA ALA A 682 0.29 -29.41 -34.15
C ALA A 682 0.66 -28.56 -32.95
N GLN A 683 -0.01 -27.40 -32.80
CA GLN A 683 0.28 -26.52 -31.67
C GLN A 683 -0.03 -27.19 -30.34
N VAL A 684 -1.08 -28.03 -30.31
CA VAL A 684 -1.46 -28.69 -29.08
C VAL A 684 -0.36 -29.65 -28.62
N GLU A 685 0.17 -30.45 -29.55
CA GLU A 685 1.25 -31.38 -29.19
C GLU A 685 2.52 -30.62 -28.84
N GLN A 686 2.82 -29.53 -29.55
CA GLN A 686 3.98 -28.73 -29.20
C GLN A 686 3.85 -28.15 -27.80
N ALA A 687 2.64 -27.77 -27.40
CA ALA A 687 2.43 -27.30 -26.04
C ALA A 687 2.68 -28.42 -25.04
N ARG A 688 2.29 -29.65 -25.39
CA ARG A 688 2.60 -30.79 -24.54
C ARG A 688 4.11 -30.98 -24.40
N ARG A 689 4.84 -30.90 -25.51
CA ARG A 689 6.30 -31.02 -25.46
C ARG A 689 6.90 -29.90 -24.62
N ASN A 690 6.44 -28.66 -24.80
CA ASN A 690 6.93 -27.56 -23.98
C ASN A 690 6.73 -27.85 -22.50
N ALA A 691 5.61 -28.51 -22.16
CA ALA A 691 5.27 -28.73 -20.76
C ALA A 691 6.25 -29.64 -20.03
N ALA A 692 7.03 -30.43 -20.77
CA ALA A 692 7.97 -31.37 -20.17
C ALA A 692 9.41 -30.88 -20.16
N SER A 693 9.66 -29.64 -20.60
CA SER A 693 11.01 -29.13 -20.73
C SER A 693 11.49 -28.52 -19.42
N THR A 694 12.81 -28.55 -19.24
CA THR A 694 13.45 -27.94 -18.08
C THR A 694 14.76 -27.30 -18.53
N GLY A 695 15.46 -26.69 -17.59
CA GLY A 695 16.77 -26.14 -17.89
C GLY A 695 16.75 -25.20 -19.08
N THR A 696 17.69 -25.42 -20.01
CA THR A 696 17.85 -24.51 -21.14
C THR A 696 16.62 -24.48 -22.01
N ALA A 697 16.06 -25.65 -22.34
CA ALA A 697 14.87 -25.69 -23.17
C ALA A 697 13.73 -24.90 -22.55
N LEU A 698 13.55 -25.03 -21.24
CA LEU A 698 12.50 -24.26 -20.55
C LEU A 698 12.85 -22.78 -20.55
N GLU A 699 14.11 -22.44 -20.31
CA GLU A 699 14.54 -21.03 -20.33
C GLU A 699 14.30 -20.40 -21.70
N GLY A 700 14.53 -21.17 -22.78
CA GLY A 700 14.29 -20.65 -24.12
C GLY A 700 12.82 -20.45 -24.42
N TRP A 701 11.96 -21.30 -23.86
CA TRP A 701 10.52 -21.15 -24.03
C TRP A 701 10.01 -19.92 -23.30
N LEU A 702 10.42 -19.75 -22.04
CA LEU A 702 10.02 -18.58 -21.27
C LEU A 702 10.50 -17.29 -21.93
N ASP A 703 11.78 -17.24 -22.30
CA ASP A 703 12.35 -16.00 -22.81
C ASP A 703 11.74 -15.61 -24.14
N SER A 704 11.29 -16.58 -24.95
CA SER A 704 10.60 -16.22 -26.19
C SER A 704 9.20 -15.69 -25.90
N LEU A 705 8.55 -16.16 -24.84
CA LEU A 705 7.27 -15.60 -24.45
C LEU A 705 7.44 -14.19 -23.90
N VAL A 706 8.37 -14.00 -22.97
CA VAL A 706 8.59 -12.69 -22.37
C VAL A 706 8.96 -11.68 -23.45
N GLY A 707 9.87 -12.06 -24.34
CA GLY A 707 10.27 -11.15 -25.41
C GLY A 707 9.14 -10.73 -26.31
N GLY A 708 8.07 -11.54 -26.39
CA GLY A 708 6.92 -11.18 -27.19
C GLY A 708 5.96 -10.23 -26.53
N MET A 709 6.06 -10.06 -25.21
CA MET A 709 5.17 -9.19 -24.47
C MET A 709 5.88 -8.05 -23.75
N TRP A 710 7.22 -8.05 -23.74
CA TRP A 710 8.00 -7.01 -23.08
C TRP A 710 9.11 -6.56 -24.01
N THR A 711 9.56 -5.32 -23.78
CA THR A 711 10.64 -4.73 -24.56
C THR A 711 11.72 -4.21 -23.61
N ALA A 712 12.97 -4.54 -23.90
CA ALA A 712 14.10 -3.99 -23.17
C ALA A 712 14.42 -2.63 -23.76
N MET A 713 14.03 -1.56 -23.05
CA MET A 713 14.18 -0.21 -23.57
C MET A 713 15.62 0.24 -23.56
N ASP A 714 16.38 -0.12 -22.52
CA ASP A 714 17.74 0.40 -22.37
C ASP A 714 18.41 -0.35 -21.23
N ILE A 715 19.74 -0.23 -21.17
CA ILE A 715 20.54 -0.87 -20.14
C ILE A 715 21.78 -0.02 -19.90
N CYS A 716 22.17 0.10 -18.63
CA CYS A 716 23.28 0.97 -18.25
C CYS A 716 24.18 0.24 -17.25
N ALA A 717 25.40 0.75 -17.08
CA ALA A 717 26.33 0.24 -16.08
C ALA A 717 26.41 1.19 -14.91
N THR A 718 26.56 0.63 -13.70
CA THR A 718 26.67 1.44 -12.51
C THR A 718 28.11 1.91 -12.27
N GLY A 719 29.08 1.12 -12.71
CA GLY A 719 30.48 1.48 -12.59
C GLY A 719 31.20 1.37 -13.91
N PRO A 720 32.51 1.08 -13.88
CA PRO A 720 33.25 0.94 -15.14
C PRO A 720 32.72 -0.23 -15.96
N THR A 721 32.81 -0.09 -17.28
CA THR A 721 32.32 -1.11 -18.20
C THR A 721 33.25 -1.19 -19.41
N ALA A 722 33.27 -2.36 -20.03
CA ALA A 722 34.00 -2.58 -21.28
C ALA A 722 33.11 -2.47 -22.51
N CYS A 723 31.79 -2.46 -22.34
CA CYS A 723 30.87 -2.29 -23.45
C CYS A 723 30.89 -0.83 -23.90
N PRO A 724 31.36 -0.52 -25.12
CA PRO A 724 31.58 0.89 -25.49
C PRO A 724 30.32 1.70 -25.72
N VAL A 725 29.13 1.09 -25.74
CA VAL A 725 27.92 1.80 -26.13
C VAL A 725 26.96 1.98 -24.95
N MET A 726 27.39 1.65 -23.74
CA MET A 726 26.51 1.73 -22.57
C MET A 726 26.86 2.97 -21.75
N GLN A 727 25.83 3.75 -21.41
CA GLN A 727 26.03 4.90 -20.55
C GLN A 727 26.26 4.47 -19.11
N THR A 728 26.78 5.40 -18.31
CA THR A 728 26.78 5.25 -16.87
C THR A 728 25.38 5.55 -16.35
N CYS A 729 24.88 4.70 -15.44
CA CYS A 729 23.49 4.82 -15.00
C CYS A 729 23.19 6.20 -14.44
N SER A 730 24.16 6.84 -13.78
CA SER A 730 23.92 8.16 -13.20
C SER A 730 23.70 9.24 -14.27
N GLN A 731 24.13 9.00 -15.50
CA GLN A 731 23.98 9.96 -16.58
C GLN A 731 22.68 9.80 -17.35
N THR A 732 21.89 8.78 -17.03
CA THR A 732 20.63 8.56 -17.73
C THR A 732 19.52 9.38 -17.11
N ALA A 733 18.40 9.44 -17.82
CA ALA A 733 17.20 10.08 -17.28
C ALA A 733 16.31 9.11 -16.52
N TRP A 734 16.45 7.79 -16.76
CA TRP A 734 15.51 6.81 -16.28
C TRP A 734 16.02 5.94 -15.14
N SER A 735 17.33 5.90 -14.93
CA SER A 735 17.89 4.99 -13.94
C SER A 735 17.50 5.41 -12.52
N SER A 736 17.36 4.41 -11.64
CA SER A 736 17.18 4.69 -10.22
C SER A 736 18.44 5.28 -9.60
N PHE A 737 19.55 5.33 -10.34
CA PHE A 737 20.78 5.98 -9.91
C PHE A 737 20.88 7.42 -10.37
N SER A 738 19.96 7.88 -11.23
CA SER A 738 20.04 9.23 -11.76
C SER A 738 19.57 10.25 -10.72
N PRO A 739 19.93 11.52 -10.89
CA PRO A 739 19.60 12.53 -9.87
C PRO A 739 18.10 12.67 -9.66
N ASP A 740 17.70 12.74 -8.38
CA ASP A 740 16.30 12.92 -7.99
C ASP A 740 16.23 13.91 -6.84
N PRO A 741 16.53 15.19 -7.12
CA PRO A 741 16.67 16.16 -6.02
C PRO A 741 15.40 16.39 -5.19
N LYS A 742 14.21 16.15 -5.74
CA LYS A 742 13.00 16.41 -4.98
C LYS A 742 12.86 15.46 -3.79
N SER A 743 13.56 14.33 -3.79
CA SER A 743 13.49 13.37 -2.69
C SER A 743 14.83 13.19 -1.99
N GLU A 744 15.82 14.02 -2.30
CA GLU A 744 17.15 13.92 -1.72
C GLU A 744 17.30 14.91 -0.57
N LEU A 745 17.97 14.47 0.50
CA LEU A 745 18.10 15.24 1.73
C LEU A 745 19.55 15.62 1.94
N GLY A 746 19.81 16.91 2.05
CA GLY A 746 21.17 17.42 2.21
C GLY A 746 21.39 18.14 3.52
N ALA A 747 22.19 19.19 3.49
CA ALA A 747 22.56 19.92 4.69
C ALA A 747 21.50 20.94 5.07
N VAL A 748 21.39 21.20 6.38
CA VAL A 748 20.40 22.15 6.88
C VAL A 748 20.81 23.56 6.47
N LYS A 749 19.85 24.29 5.91
CA LYS A 749 20.11 25.63 5.39
C LYS A 749 20.11 26.65 6.53
N PRO A 750 20.56 27.88 6.26
CA PRO A 750 20.59 28.90 7.31
C PRO A 750 19.26 29.15 8.01
N ASP A 751 18.14 29.00 7.30
CA ASP A 751 16.83 29.21 7.90
C ASP A 751 16.31 27.97 8.63
N GLY A 752 17.13 26.93 8.75
CA GLY A 752 16.74 25.73 9.48
C GLY A 752 15.92 24.74 8.69
N ARG A 753 15.85 24.90 7.37
CA ARG A 753 15.02 24.05 6.51
C ARG A 753 15.88 23.18 5.62
N LEU A 754 15.26 22.14 5.07
CA LEU A 754 15.86 21.34 4.01
C LEU A 754 15.29 21.67 2.64
N ARG A 755 14.04 22.13 2.58
CA ARG A 755 13.39 22.46 1.32
C ARG A 755 13.78 23.87 0.88
N GLU B 2 -17.65 14.19 4.89
CA GLU B 2 -16.67 14.61 5.89
C GLU B 2 -17.01 14.04 7.27
N GLU B 3 -17.79 12.96 7.29
CA GLU B 3 -17.99 12.21 8.52
C GLU B 3 -16.74 11.40 8.82
N GLU B 4 -16.45 11.23 10.10
CA GLU B 4 -15.23 10.55 10.54
C GLU B 4 -15.57 9.23 11.21
N GLY B 5 -14.55 8.37 11.30
CA GLY B 5 -14.71 7.01 11.78
C GLY B 5 -14.55 6.00 10.66
N SER B 6 -13.69 5.00 10.87
CA SER B 6 -13.35 4.05 9.82
C SER B 6 -14.13 2.74 9.91
N GLY B 7 -14.86 2.50 10.99
CA GLY B 7 -15.65 1.28 11.09
C GLY B 7 -16.86 1.31 10.19
N GLY B 8 -17.21 0.14 9.66
CA GLY B 8 -18.34 0.03 8.77
C GLY B 8 -19.25 -1.16 9.05
N GLY B 9 -19.47 -1.46 10.34
CA GLY B 9 -20.37 -2.53 10.71
C GLY B 9 -19.76 -3.91 10.56
N GLN B 10 -20.53 -4.91 10.99
CA GLN B 10 -20.04 -6.29 11.05
C GLN B 10 -20.25 -7.02 9.72
#